data_5JN8
#
_entry.id   5JN8
#
_cell.length_a   64.933
_cell.length_b   123.471
_cell.length_c   151.237
_cell.angle_alpha   90.00
_cell.angle_beta   90.00
_cell.angle_gamma   90.00
#
_symmetry.space_group_name_H-M   'P 21 21 21'
#
loop_
_entity.id
_entity.type
_entity.pdbx_description
1 polymer 'Carbonic anhydrase 4'
2 non-polymer 5-ACETAMIDO-1,3,4-THIADIAZOLE-2-SULFONAMIDE
3 non-polymer 'ZINC ION'
4 non-polymer 'SULFATE ION'
5 non-polymer 'ACETATE ION'
6 non-polymer GLYCEROL
7 water water
#
_entity_poly.entity_id   1
_entity_poly.type   'polypeptide(L)'
_entity_poly.pdbx_seq_one_letter_code
;AESHWCYEVQAESSNYPCLVPVKWGGNCQKDRQSPINIVTTKAKVDKKLGRFFFSGYDKKQTWTVQNNGHSVMMLLENKA
SISGGGLPAPYQAKQLHLHWSDLPYKGSEHSLDGEHFAMEMHIVHEKEKGTSRNVKEAQDPEDEIAVLAFLVEAGTQVNE
GFQPLVEALSNIPKPEMSTTMAESSLLDLLPKEEKLRHYFRYLGSLTTPTCDEKVVWTVFREPIQLHREQILAFSQKLYY
DKEQTVSMKDNVRPLQQLGQRTVIKS
;
_entity_poly.pdbx_strand_id   A,B,C,D
#
# COMPACT_ATOMS: atom_id res chain seq x y z
N ALA A 1 17.29 -9.89 -35.99
CA ALA A 1 16.48 -8.78 -35.43
C ALA A 1 17.09 -7.42 -35.77
N GLU A 2 16.25 -6.39 -35.73
CA GLU A 2 16.71 -5.04 -36.09
C GLU A 2 17.39 -4.30 -34.94
N SER A 3 17.30 -4.85 -33.73
CA SER A 3 17.93 -4.24 -32.54
C SER A 3 17.92 -5.17 -31.32
N HIS A 4 18.65 -4.79 -30.26
CA HIS A 4 18.75 -5.61 -29.03
C HIS A 4 17.42 -5.75 -28.31
N TRP A 5 17.18 -6.96 -27.79
CA TRP A 5 16.02 -7.20 -26.95
C TRP A 5 16.04 -6.34 -25.69
N CYS A 6 14.87 -5.92 -25.26
CA CYS A 6 14.71 -5.15 -24.05
C CYS A 6 13.35 -5.45 -23.44
N TYR A 7 13.16 -5.00 -22.20
CA TYR A 7 11.86 -4.97 -21.57
C TYR A 7 11.14 -3.67 -21.95
N GLU A 8 9.81 -3.70 -21.85
CA GLU A 8 8.96 -2.57 -22.19
C GLU A 8 9.41 -1.25 -21.55
N VAL A 9 9.78 -1.28 -20.28
CA VAL A 9 10.19 -0.07 -19.56
C VAL A 9 11.39 0.61 -20.23
N GLN A 10 12.32 -0.19 -20.77
CA GLN A 10 13.50 0.36 -21.42
C GLN A 10 13.13 1.15 -22.67
N ALA A 11 12.28 0.58 -23.52
CA ALA A 11 11.77 1.28 -24.71
C ALA A 11 11.00 2.55 -24.35
N GLU A 12 10.21 2.49 -23.28
CA GLU A 12 9.45 3.64 -22.84
C GLU A 12 10.28 4.76 -22.22
N SER A 13 11.45 4.42 -21.70
CA SER A 13 12.24 5.37 -20.90
C SER A 13 13.44 5.91 -21.64
N SER A 14 13.65 5.44 -22.85
CA SER A 14 14.81 5.87 -23.63
C SER A 14 14.43 6.07 -25.09
N ASN A 15 15.14 6.97 -25.75
CA ASN A 15 14.94 7.17 -27.18
C ASN A 15 15.75 6.21 -28.05
N TYR A 16 16.59 5.40 -27.42
CA TYR A 16 17.43 4.42 -28.12
C TYR A 16 16.57 3.21 -28.44
N PRO A 17 16.45 2.86 -29.72
CA PRO A 17 15.53 1.77 -30.10
C PRO A 17 15.99 0.41 -29.62
N CYS A 18 15.03 -0.38 -29.15
CA CYS A 18 15.27 -1.77 -28.74
C CYS A 18 14.00 -2.60 -29.04
N LEU A 19 14.12 -3.92 -28.98
CA LEU A 19 13.01 -4.84 -29.29
C LEU A 19 12.24 -5.28 -28.05
N VAL A 20 11.04 -4.74 -27.87
CA VAL A 20 10.19 -5.07 -26.72
C VAL A 20 9.68 -6.53 -26.76
N PRO A 21 9.20 -7.04 -25.61
CA PRO A 21 8.87 -8.48 -25.49
C PRO A 21 7.97 -9.11 -26.54
N VAL A 22 6.92 -8.40 -26.98
CA VAL A 22 6.02 -8.95 -28.00
C VAL A 22 6.74 -9.11 -29.33
N LYS A 23 7.86 -8.42 -29.47
CA LYS A 23 8.67 -8.44 -30.70
C LYS A 23 9.93 -9.30 -30.55
N TRP A 24 10.16 -9.93 -29.40
CA TRP A 24 11.31 -10.80 -29.23
C TRP A 24 11.46 -11.92 -30.33
N GLY A 25 12.70 -12.29 -30.67
CA GLY A 25 12.94 -13.36 -31.60
C GLY A 25 13.29 -14.71 -30.97
N GLY A 26 14.22 -15.41 -31.57
CA GLY A 26 14.59 -16.71 -31.08
C GLY A 26 13.37 -17.63 -31.04
N ASN A 27 13.20 -18.31 -29.93
CA ASN A 27 12.09 -19.18 -29.73
C ASN A 27 10.96 -18.52 -28.95
N CYS A 28 11.10 -17.22 -28.74
CA CYS A 28 10.18 -16.44 -27.90
C CYS A 28 8.72 -16.38 -28.37
N GLN A 29 8.50 -16.73 -29.63
CA GLN A 29 7.16 -16.71 -30.22
C GLN A 29 6.57 -18.10 -30.40
N LYS A 30 7.17 -19.11 -29.76
CA LYS A 30 6.66 -20.48 -29.85
C LYS A 30 5.58 -20.68 -28.78
N ASP A 31 5.04 -21.89 -28.61
CA ASP A 31 3.80 -22.04 -27.82
C ASP A 31 3.89 -22.71 -26.44
N ARG A 32 5.09 -22.92 -25.93
CA ARG A 32 5.27 -23.46 -24.59
CA ARG A 32 5.28 -23.47 -24.59
C ARG A 32 6.14 -22.52 -23.76
N GLN A 33 5.71 -21.25 -23.70
CA GLN A 33 6.47 -20.17 -23.09
C GLN A 33 6.15 -19.94 -21.62
N SER A 34 7.06 -19.23 -20.93
CA SER A 34 6.90 -18.82 -19.53
C SER A 34 7.18 -17.31 -19.44
N PRO A 35 6.67 -16.61 -18.41
CA PRO A 35 5.91 -17.08 -17.26
C PRO A 35 4.44 -17.25 -17.56
N ILE A 36 3.69 -17.77 -16.59
CA ILE A 36 2.26 -18.02 -16.72
C ILE A 36 1.56 -17.63 -15.43
N ASN A 37 0.25 -17.44 -15.52
CA ASN A 37 -0.60 -17.39 -14.34
C ASN A 37 -0.93 -18.80 -13.93
N ILE A 38 -0.86 -19.06 -12.62
CA ILE A 38 -1.24 -20.36 -12.08
C ILE A 38 -2.56 -20.25 -11.29
N VAL A 39 -3.60 -20.94 -11.77
CA VAL A 39 -4.83 -21.09 -11.01
C VAL A 39 -4.58 -22.24 -10.03
N THR A 40 -4.45 -21.91 -8.75
CA THR A 40 -3.91 -22.86 -7.78
C THR A 40 -4.86 -24.01 -7.47
N THR A 41 -6.17 -23.74 -7.54
CA THR A 41 -7.17 -24.77 -7.28
C THR A 41 -7.43 -25.65 -8.49
N LYS A 42 -6.88 -25.30 -9.64
CA LYS A 42 -7.04 -26.10 -10.85
C LYS A 42 -5.83 -26.98 -11.11
N ALA A 43 -4.71 -26.68 -10.46
CA ALA A 43 -3.53 -27.56 -10.53
C ALA A 43 -3.81 -28.84 -9.75
N LYS A 44 -3.57 -29.98 -10.40
CA LYS A 44 -3.87 -31.28 -9.80
C LYS A 44 -2.69 -31.77 -8.95
N VAL A 45 -3.01 -32.33 -7.79
CA VAL A 45 -2.01 -32.93 -6.90
C VAL A 45 -1.37 -34.14 -7.57
N ASP A 46 -0.04 -34.16 -7.59
CA ASP A 46 0.70 -35.33 -8.06
C ASP A 46 1.54 -35.82 -6.88
N LYS A 47 1.18 -36.97 -6.33
CA LYS A 47 1.83 -37.50 -5.12
C LYS A 47 3.32 -37.81 -5.30
N LYS A 48 3.74 -38.04 -6.55
CA LYS A 48 5.14 -38.28 -6.88
C LYS A 48 6.02 -37.02 -6.73
N LEU A 49 5.39 -35.86 -6.53
CA LEU A 49 6.13 -34.61 -6.23
C LEU A 49 6.43 -34.52 -4.74
N GLY A 50 7.59 -35.04 -4.36
CA GLY A 50 8.04 -35.06 -2.97
C GLY A 50 8.96 -33.90 -2.65
N ARG A 51 9.58 -33.97 -1.48
CA ARG A 51 10.39 -32.85 -1.00
C ARG A 51 11.68 -32.69 -1.82
N PHE A 52 12.18 -31.46 -1.86
CA PHE A 52 13.48 -31.18 -2.42
C PHE A 52 14.60 -31.49 -1.44
N PHE A 53 15.75 -31.81 -2.00
CA PHE A 53 16.99 -31.88 -1.24
C PHE A 53 17.93 -30.84 -1.79
N PHE A 54 18.29 -29.90 -0.93
CA PHE A 54 19.13 -28.79 -1.32
C PHE A 54 20.51 -29.13 -0.81
N SER A 55 21.49 -29.18 -1.70
CA SER A 55 22.86 -29.48 -1.30
C SER A 55 23.76 -28.27 -1.51
N GLY A 56 24.52 -27.92 -0.48
CA GLY A 56 25.37 -26.73 -0.53
C GLY A 56 24.62 -25.43 -0.29
N TYR A 57 23.33 -25.52 0.03
CA TYR A 57 22.50 -24.33 0.25
C TYR A 57 22.72 -23.71 1.63
N ASP A 58 23.20 -24.51 2.57
CA ASP A 58 23.40 -24.07 3.95
C ASP A 58 24.79 -23.47 4.18
N LYS A 59 25.74 -23.79 3.30
CA LYS A 59 27.13 -23.40 3.44
C LYS A 59 27.34 -21.89 3.23
N LYS A 60 28.08 -21.26 4.15
CA LYS A 60 28.46 -19.86 4.00
C LYS A 60 29.59 -19.70 2.99
N GLN A 61 29.34 -18.91 1.95
CA GLN A 61 30.30 -18.61 0.90
C GLN A 61 30.36 -17.09 0.72
N THR A 62 31.39 -16.60 0.02
CA THR A 62 31.39 -15.21 -0.45
C THR A 62 31.10 -15.17 -1.96
N TRP A 63 29.83 -15.00 -2.31
CA TRP A 63 29.42 -15.10 -3.69
C TRP A 63 29.83 -13.89 -4.53
N THR A 64 30.20 -14.15 -5.79
CA THR A 64 30.34 -13.11 -6.80
C THR A 64 28.95 -12.75 -7.30
N VAL A 65 28.60 -11.47 -7.21
CA VAL A 65 27.35 -10.98 -7.75
C VAL A 65 27.63 -9.95 -8.86
N GLN A 66 26.86 -10.01 -9.93
CA GLN A 66 27.07 -9.11 -11.05
C GLN A 66 25.81 -8.54 -11.69
N ASN A 67 25.95 -7.32 -12.19
CA ASN A 67 24.93 -6.66 -13.01
C ASN A 67 25.12 -7.10 -14.45
N ASN A 68 24.17 -7.87 -15.00
CA ASN A 68 24.33 -8.34 -16.37
C ASN A 68 23.60 -7.49 -17.41
N GLY A 69 23.10 -6.34 -16.96
CA GLY A 69 22.36 -5.43 -17.83
C GLY A 69 20.85 -5.62 -17.83
N HIS A 70 20.37 -6.74 -17.30
CA HIS A 70 18.93 -7.01 -17.23
CA HIS A 70 18.93 -7.02 -17.25
C HIS A 70 18.49 -7.63 -15.91
N SER A 71 19.46 -7.87 -15.03
CA SER A 71 19.21 -8.37 -13.66
C SER A 71 20.46 -8.25 -12.80
N VAL A 72 20.33 -8.65 -11.54
CA VAL A 72 21.48 -8.94 -10.70
C VAL A 72 21.58 -10.46 -10.54
N MET A 73 22.78 -11.00 -10.75
CA MET A 73 23.02 -12.42 -10.83
C MET A 73 24.18 -12.86 -9.92
N MET A 74 23.90 -13.81 -9.03
CA MET A 74 24.93 -14.49 -8.25
C MET A 74 25.46 -15.68 -9.05
N LEU A 75 26.78 -15.87 -9.06
CA LEU A 75 27.39 -16.99 -9.77
C LEU A 75 27.56 -18.15 -8.80
N LEU A 76 26.85 -19.24 -9.06
CA LEU A 76 26.77 -20.36 -8.13
C LEU A 76 27.78 -21.47 -8.41
N GLU A 77 28.30 -21.51 -9.63
CA GLU A 77 29.46 -22.34 -10.05
C GLU A 77 29.45 -23.79 -9.55
N ASN A 78 28.30 -24.37 -9.71
CA ASN A 78 28.15 -25.78 -9.32
C ASN A 78 28.44 -26.01 -7.83
N LYS A 79 28.48 -24.94 -7.04
CA LYS A 79 28.76 -25.05 -5.61
C LYS A 79 27.51 -25.43 -4.82
N ALA A 80 26.45 -25.61 -5.46
CA ALA A 80 25.19 -26.12 -4.95
C ALA A 80 24.46 -26.99 -5.98
N SER A 81 23.55 -27.82 -5.49
CA SER A 81 22.77 -28.70 -6.35
C SER A 81 21.49 -29.15 -5.66
N ILE A 82 20.54 -29.65 -6.44
CA ILE A 82 19.26 -30.09 -5.93
C ILE A 82 18.91 -31.49 -6.46
N SER A 83 18.06 -32.19 -5.69
CA SER A 83 17.47 -33.48 -6.10
C SER A 83 16.11 -33.60 -5.41
N GLY A 84 15.35 -34.63 -5.75
CA GLY A 84 13.99 -34.76 -5.23
C GLY A 84 13.13 -33.78 -6.00
N GLY A 85 12.08 -33.28 -5.37
CA GLY A 85 11.20 -32.31 -6.01
C GLY A 85 10.49 -32.83 -7.25
N GLY A 86 10.28 -34.15 -7.30
CA GLY A 86 9.72 -34.81 -8.47
C GLY A 86 10.60 -34.76 -9.72
N LEU A 87 11.85 -34.33 -9.57
CA LEU A 87 12.78 -34.17 -10.69
C LEU A 87 13.36 -35.51 -11.15
N PRO A 88 13.64 -35.65 -12.45
CA PRO A 88 14.10 -36.94 -12.98
C PRO A 88 15.59 -37.22 -12.75
N ALA A 89 16.31 -36.21 -12.24
CA ALA A 89 17.77 -36.27 -12.08
C ALA A 89 18.17 -35.22 -11.04
N PRO A 90 19.41 -35.31 -10.53
CA PRO A 90 19.91 -34.15 -9.80
C PRO A 90 20.27 -33.05 -10.79
N TYR A 91 20.29 -31.81 -10.32
CA TYR A 91 20.60 -30.64 -11.15
C TYR A 91 21.65 -29.77 -10.48
N GLN A 92 22.63 -29.29 -11.24
CA GLN A 92 23.68 -28.41 -10.66
C GLN A 92 23.33 -26.92 -10.73
N ALA A 93 23.47 -26.21 -9.61
CA ALA A 93 23.16 -24.77 -9.56
C ALA A 93 24.17 -23.93 -10.36
N LYS A 94 23.65 -23.07 -11.24
CA LYS A 94 24.52 -22.24 -12.09
C LYS A 94 24.52 -20.78 -11.66
N GLN A 95 23.33 -20.22 -11.48
CA GLN A 95 23.20 -18.81 -11.11
C GLN A 95 21.90 -18.54 -10.42
N LEU A 96 21.84 -17.44 -9.70
CA LEU A 96 20.62 -16.99 -9.06
C LEU A 96 20.44 -15.55 -9.52
N HIS A 97 19.22 -15.19 -9.91
CA HIS A 97 18.93 -13.81 -10.29
C HIS A 97 17.49 -13.47 -9.91
N LEU A 98 17.12 -12.21 -10.14
CA LEU A 98 15.80 -11.70 -9.70
C LEU A 98 15.14 -10.82 -10.77
N HIS A 99 13.82 -10.70 -10.65
CA HIS A 99 13.01 -9.80 -11.43
C HIS A 99 12.20 -9.01 -10.41
N TRP A 100 11.97 -7.73 -10.66
CA TRP A 100 11.26 -6.88 -9.69
C TRP A 100 10.63 -5.65 -10.33
N SER A 101 9.79 -4.97 -9.54
CA SER A 101 9.30 -3.63 -9.84
C SER A 101 9.60 -2.69 -8.64
N ASP A 102 8.87 -1.58 -8.53
CA ASP A 102 8.99 -0.70 -7.35
C ASP A 102 7.64 -0.43 -6.70
N LEU A 103 6.63 -1.20 -7.12
CA LEU A 103 5.29 -1.18 -6.52
C LEU A 103 4.99 -2.57 -5.96
N PRO A 104 4.30 -2.65 -4.80
CA PRO A 104 4.17 -3.93 -4.11
C PRO A 104 3.37 -5.02 -4.85
N TYR A 105 2.46 -4.60 -5.71
CA TYR A 105 1.53 -5.51 -6.37
C TYR A 105 2.02 -6.03 -7.72
N LYS A 106 3.26 -5.67 -8.07
CA LYS A 106 3.89 -6.20 -9.28
C LYS A 106 5.39 -6.36 -9.11
N GLY A 107 6.00 -7.07 -10.05
CA GLY A 107 7.42 -7.41 -9.96
C GLY A 107 7.76 -8.85 -10.23
N SER A 108 6.86 -9.78 -9.90
CA SER A 108 7.06 -11.20 -10.25
C SER A 108 6.73 -11.47 -11.70
N GLU A 109 7.31 -12.55 -12.23
CA GLU A 109 7.05 -13.00 -13.59
C GLU A 109 5.79 -13.86 -13.61
N HIS A 110 5.82 -14.93 -12.82
CA HIS A 110 4.64 -15.73 -12.57
C HIS A 110 3.63 -14.99 -11.69
N SER A 111 2.35 -15.30 -11.87
CA SER A 111 1.32 -14.89 -10.91
C SER A 111 0.62 -16.13 -10.34
N LEU A 112 0.18 -16.03 -9.10
CA LEU A 112 -0.63 -17.07 -8.45
C LEU A 112 -2.04 -16.52 -8.23
N ASP A 113 -3.01 -17.16 -8.87
CA ASP A 113 -4.40 -16.71 -8.84
C ASP A 113 -4.57 -15.23 -9.21
N GLY A 114 -3.84 -14.81 -10.24
CA GLY A 114 -3.90 -13.44 -10.75
C GLY A 114 -3.18 -12.38 -9.93
N GLU A 115 -2.46 -12.82 -8.90
CA GLU A 115 -1.70 -11.92 -8.02
C GLU A 115 -0.22 -11.96 -8.34
N HIS A 116 0.33 -10.81 -8.74
CA HIS A 116 1.78 -10.68 -8.88
C HIS A 116 2.36 -10.28 -7.53
N PHE A 117 3.61 -10.67 -7.30
CA PHE A 117 4.30 -10.36 -6.05
C PHE A 117 5.33 -9.26 -6.35
N ALA A 118 6.03 -8.78 -5.33
CA ALA A 118 6.92 -7.63 -5.48
C ALA A 118 8.21 -7.94 -6.27
N MET A 119 8.66 -9.19 -6.18
CA MET A 119 9.85 -9.69 -6.89
C MET A 119 9.65 -11.16 -7.15
N GLU A 120 10.47 -11.72 -8.05
CA GLU A 120 10.58 -13.15 -8.18
C GLU A 120 12.05 -13.52 -8.36
N MET A 121 12.50 -14.47 -7.52
CA MET A 121 13.86 -14.96 -7.52
C MET A 121 13.92 -16.29 -8.27
N HIS A 122 14.89 -16.41 -9.17
CA HIS A 122 15.05 -17.61 -9.99
C HIS A 122 16.43 -18.24 -9.71
N ILE A 123 16.46 -19.50 -9.29
CA ILE A 123 17.71 -20.25 -9.14
C ILE A 123 17.74 -21.26 -10.29
N VAL A 124 18.73 -21.09 -11.15
CA VAL A 124 18.82 -21.80 -12.42
C VAL A 124 19.80 -22.97 -12.26
N HIS A 125 19.33 -24.18 -12.56
CA HIS A 125 20.15 -25.38 -12.44
C HIS A 125 20.18 -26.12 -13.77
N GLU A 126 21.25 -26.88 -14.02
CA GLU A 126 21.35 -27.74 -15.21
C GLU A 126 21.34 -29.24 -14.89
N LYS A 127 20.61 -29.99 -15.72
CA LYS A 127 20.38 -31.42 -15.54
C LYS A 127 21.67 -32.21 -15.61
N GLU A 128 21.82 -33.19 -14.72
CA GLU A 128 22.86 -34.22 -14.88
C GLU A 128 22.31 -35.35 -15.75
N LYS A 129 22.69 -35.31 -17.02
CA LYS A 129 22.11 -36.21 -18.02
C LYS A 129 22.79 -37.57 -18.01
N GLY A 130 22.11 -38.59 -18.54
CA GLY A 130 22.73 -39.87 -18.80
C GLY A 130 22.96 -40.05 -20.29
N THR A 131 23.49 -41.20 -20.70
CA THR A 131 23.35 -41.61 -22.09
C THR A 131 21.96 -42.23 -22.22
N SER A 132 21.29 -42.03 -23.36
CA SER A 132 19.89 -42.50 -23.56
C SER A 132 19.74 -43.66 -24.56
N ASP A 140 19.24 -29.66 -24.33
CA ASP A 140 18.69 -30.64 -25.28
C ASP A 140 17.26 -31.14 -24.93
N PRO A 141 17.07 -31.82 -23.77
CA PRO A 141 15.69 -32.21 -23.40
C PRO A 141 14.79 -31.05 -22.91
N GLU A 142 13.49 -31.32 -22.80
CA GLU A 142 12.49 -30.34 -22.31
C GLU A 142 12.75 -29.90 -20.87
N ASP A 143 13.58 -30.66 -20.16
CA ASP A 143 13.86 -30.40 -18.75
C ASP A 143 15.36 -30.25 -18.45
N GLU A 144 16.13 -29.87 -19.48
CA GLU A 144 17.56 -29.61 -19.32
C GLU A 144 17.84 -28.63 -18.19
N ILE A 145 16.98 -27.62 -18.05
CA ILE A 145 17.16 -26.59 -17.03
C ILE A 145 16.05 -26.70 -15.99
N ALA A 146 16.42 -26.71 -14.71
CA ALA A 146 15.42 -26.61 -13.66
C ALA A 146 15.58 -25.24 -13.02
N VAL A 147 14.53 -24.43 -13.08
CA VAL A 147 14.52 -23.12 -12.42
C VAL A 147 13.61 -23.22 -11.20
N LEU A 148 14.15 -22.83 -10.06
CA LEU A 148 13.35 -22.72 -8.84
C LEU A 148 12.90 -21.27 -8.69
N ALA A 149 11.59 -21.05 -8.67
CA ALA A 149 11.05 -19.70 -8.54
C ALA A 149 10.47 -19.46 -7.15
N PHE A 150 10.91 -18.38 -6.53
CA PHE A 150 10.41 -17.95 -5.22
C PHE A 150 9.80 -16.55 -5.39
N LEU A 151 8.55 -16.40 -4.95
CA LEU A 151 7.87 -15.11 -4.96
C LEU A 151 8.26 -14.30 -3.72
N VAL A 152 8.35 -12.98 -3.88
CA VAL A 152 8.76 -12.10 -2.80
C VAL A 152 7.64 -11.13 -2.46
N GLU A 153 7.21 -11.14 -1.20
CA GLU A 153 6.12 -10.30 -0.74
C GLU A 153 6.67 -9.13 0.05
N ALA A 154 6.26 -7.90 -0.33
CA ALA A 154 6.72 -6.69 0.36
C ALA A 154 6.04 -6.56 1.71
N GLY A 155 6.79 -6.13 2.72
CA GLY A 155 6.22 -5.91 4.06
C GLY A 155 7.06 -5.01 4.93
N THR A 156 6.95 -5.17 6.25
CA THR A 156 7.77 -4.41 7.19
C THR A 156 8.82 -5.27 7.89
N GLN A 157 8.86 -6.55 7.56
CA GLN A 157 9.82 -7.45 8.16
C GLN A 157 11.17 -7.26 7.47
N VAL A 158 12.19 -6.87 8.23
CA VAL A 158 13.54 -6.83 7.69
C VAL A 158 14.03 -8.25 7.55
N ASN A 159 14.43 -8.62 6.34
CA ASN A 159 14.95 -9.95 6.08
C ASN A 159 16.46 -9.86 6.20
N GLU A 160 16.99 -10.32 7.33
CA GLU A 160 18.43 -10.23 7.61
C GLU A 160 19.25 -11.06 6.64
N GLY A 161 18.75 -12.24 6.29
CA GLY A 161 19.37 -13.09 5.28
C GLY A 161 19.68 -12.43 3.95
N PHE A 162 18.86 -11.44 3.56
CA PHE A 162 19.04 -10.72 2.30
C PHE A 162 20.02 -9.56 2.34
N GLN A 163 20.46 -9.18 3.53
CA GLN A 163 21.28 -7.98 3.66
C GLN A 163 22.62 -8.00 2.90
N PRO A 164 23.38 -9.10 2.98
CA PRO A 164 24.59 -9.17 2.13
C PRO A 164 24.31 -8.84 0.66
N LEU A 165 23.25 -9.39 0.09
CA LEU A 165 22.90 -9.10 -1.29
C LEU A 165 22.51 -7.64 -1.46
N VAL A 166 21.59 -7.16 -0.62
CA VAL A 166 21.08 -5.81 -0.73
C VAL A 166 22.23 -4.78 -0.59
N GLU A 167 23.17 -5.03 0.32
CA GLU A 167 24.30 -4.12 0.52
C GLU A 167 25.29 -4.11 -0.66
N ALA A 168 25.44 -5.25 -1.33
CA ALA A 168 26.31 -5.40 -2.49
C ALA A 168 25.83 -4.59 -3.70
N LEU A 169 24.52 -4.30 -3.77
CA LEU A 169 23.93 -3.64 -4.94
C LEU A 169 24.54 -2.26 -5.24
N SER A 170 24.92 -1.53 -4.20
CA SER A 170 25.54 -0.20 -4.35
C SER A 170 26.85 -0.23 -5.16
N ASN A 171 27.42 -1.42 -5.29
CA ASN A 171 28.75 -1.60 -5.87
C ASN A 171 28.73 -2.04 -7.32
N ILE A 172 27.54 -2.40 -7.81
CA ILE A 172 27.36 -2.85 -9.20
C ILE A 172 26.22 -2.09 -9.92
N PRO A 173 26.25 -0.74 -9.89
CA PRO A 173 25.16 0.01 -10.53
C PRO A 173 25.05 -0.19 -12.05
N LYS A 174 26.17 -0.41 -12.73
CA LYS A 174 26.21 -0.45 -14.20
C LYS A 174 26.41 -1.86 -14.73
N PRO A 175 25.89 -2.16 -15.94
CA PRO A 175 26.12 -3.45 -16.58
C PRO A 175 27.58 -3.90 -16.59
N GLU A 176 27.77 -5.21 -16.41
CA GLU A 176 29.05 -5.89 -16.45
C GLU A 176 29.92 -5.63 -15.22
N MET A 177 29.39 -4.90 -14.24
CA MET A 177 30.12 -4.74 -12.98
C MET A 177 29.87 -5.93 -12.05
N SER A 178 30.93 -6.37 -11.37
CA SER A 178 30.88 -7.48 -10.43
C SER A 178 31.43 -7.04 -9.08
N THR A 179 30.93 -7.68 -8.02
CA THR A 179 31.44 -7.48 -6.67
C THR A 179 31.35 -8.78 -5.85
N THR A 180 31.94 -8.76 -4.66
CA THR A 180 31.88 -9.90 -3.75
C THR A 180 30.96 -9.58 -2.58
N MET A 181 30.00 -10.48 -2.34
CA MET A 181 29.08 -10.35 -1.22
C MET A 181 29.72 -10.80 0.08
N ALA A 182 29.30 -10.20 1.18
CA ALA A 182 29.69 -10.67 2.51
C ALA A 182 29.20 -12.11 2.72
N GLU A 183 29.90 -12.84 3.58
CA GLU A 183 29.59 -14.24 3.88
C GLU A 183 28.08 -14.48 4.02
N SER A 184 27.56 -15.49 3.33
CA SER A 184 26.13 -15.81 3.34
C SER A 184 25.82 -17.14 2.64
N SER A 185 24.65 -17.69 2.92
CA SER A 185 24.25 -18.97 2.34
C SER A 185 23.03 -18.75 1.45
N LEU A 186 22.77 -19.71 0.56
CA LEU A 186 21.56 -19.65 -0.23
C LEU A 186 20.29 -19.75 0.62
N LEU A 187 20.36 -20.52 1.70
CA LEU A 187 19.21 -20.67 2.63
C LEU A 187 18.83 -19.34 3.27
N ASP A 188 19.83 -18.48 3.45
CA ASP A 188 19.63 -17.13 3.95
C ASP A 188 18.63 -16.34 3.09
N LEU A 189 18.49 -16.74 1.84
CA LEU A 189 17.65 -16.04 0.88
C LEU A 189 16.26 -16.65 0.71
N LEU A 190 16.07 -17.86 1.24
CA LEU A 190 14.85 -18.65 1.01
C LEU A 190 13.90 -18.60 2.20
N PRO A 191 12.62 -18.96 1.99
CA PRO A 191 11.79 -19.21 3.17
C PRO A 191 12.38 -20.37 3.98
N LYS A 192 11.90 -20.55 5.21
CA LYS A 192 12.27 -21.70 6.03
C LYS A 192 12.03 -22.99 5.26
N GLU A 193 13.01 -23.89 5.26
CA GLU A 193 12.99 -25.07 4.40
C GLU A 193 11.71 -25.91 4.51
N GLU A 194 11.21 -26.10 5.73
CA GLU A 194 10.00 -26.90 5.98
C GLU A 194 8.76 -26.35 5.27
N LYS A 195 8.81 -25.08 4.89
CA LYS A 195 7.69 -24.43 4.21
C LYS A 195 7.75 -24.66 2.70
N LEU A 196 8.77 -25.36 2.23
CA LEU A 196 8.99 -25.55 0.80
C LEU A 196 8.48 -26.90 0.27
N ARG A 197 7.57 -27.54 0.99
CA ARG A 197 6.97 -28.80 0.55
C ARG A 197 5.87 -28.57 -0.49
N HIS A 198 5.28 -27.38 -0.45
CA HIS A 198 4.21 -27.00 -1.38
C HIS A 198 4.73 -26.15 -2.52
N TYR A 199 4.67 -26.73 -3.72
CA TYR A 199 5.09 -26.03 -4.94
C TYR A 199 4.26 -26.48 -6.14
N PHE A 200 4.30 -25.64 -7.19
CA PHE A 200 3.67 -25.90 -8.47
C PHE A 200 4.74 -26.25 -9.49
N ARG A 201 4.36 -27.07 -10.47
CA ARG A 201 5.27 -27.64 -11.46
C ARG A 201 4.66 -27.61 -12.86
N TYR A 202 5.43 -27.15 -13.85
CA TYR A 202 5.06 -27.27 -15.26
C TYR A 202 6.30 -27.16 -16.14
N LEU A 203 6.13 -27.47 -17.43
CA LEU A 203 7.21 -27.37 -18.41
C LEU A 203 7.05 -26.08 -19.18
N GLY A 204 8.13 -25.31 -19.32
CA GLY A 204 8.09 -24.08 -20.10
C GLY A 204 9.41 -23.64 -20.70
N SER A 205 9.66 -22.34 -20.65
CA SER A 205 10.82 -21.74 -21.31
C SER A 205 11.60 -20.86 -20.36
N LEU A 206 12.80 -20.50 -20.78
CA LEU A 206 13.51 -19.37 -20.19
C LEU A 206 12.70 -18.11 -20.51
N THR A 207 12.80 -17.09 -19.66
CA THR A 207 11.96 -15.91 -19.86
C THR A 207 12.72 -14.73 -20.45
N THR A 208 13.91 -14.98 -20.97
CA THR A 208 14.62 -13.99 -21.79
C THR A 208 15.09 -14.66 -23.07
N PRO A 209 15.23 -13.87 -24.15
CA PRO A 209 15.70 -14.45 -25.42
C PRO A 209 16.98 -15.29 -25.22
N THR A 210 17.10 -16.47 -25.83
CA THR A 210 16.22 -16.97 -26.90
C THR A 210 15.00 -17.78 -26.42
N CYS A 211 14.65 -17.63 -25.15
CA CYS A 211 13.43 -18.24 -24.60
C CYS A 211 13.32 -19.72 -24.97
N ASP A 212 14.40 -20.47 -24.74
CA ASP A 212 14.43 -21.88 -25.13
C ASP A 212 13.45 -22.69 -24.30
N GLU A 213 12.74 -23.60 -24.96
CA GLU A 213 11.71 -24.42 -24.32
C GLU A 213 12.34 -25.67 -23.72
N LYS A 214 13.12 -25.45 -22.66
CA LYS A 214 13.91 -26.51 -22.06
C LYS A 214 13.93 -26.45 -20.53
N VAL A 215 12.94 -25.77 -19.96
CA VAL A 215 12.85 -25.56 -18.53
C VAL A 215 11.72 -26.35 -17.85
N VAL A 216 12.11 -27.12 -16.85
CA VAL A 216 11.15 -27.62 -15.87
C VAL A 216 11.05 -26.60 -14.72
N TRP A 217 9.87 -26.01 -14.61
CA TRP A 217 9.61 -24.95 -13.65
C TRP A 217 9.10 -25.46 -12.32
N THR A 218 9.57 -24.83 -11.26
CA THR A 218 9.01 -25.01 -9.93
C THR A 218 8.70 -23.63 -9.36
N VAL A 219 7.46 -23.44 -8.93
CA VAL A 219 7.05 -22.20 -8.28
C VAL A 219 6.56 -22.57 -6.89
N PHE A 220 7.30 -22.13 -5.88
CA PHE A 220 6.97 -22.44 -4.50
C PHE A 220 5.84 -21.54 -4.03
N ARG A 221 4.95 -22.11 -3.22
CA ARG A 221 3.79 -21.41 -2.69
C ARG A 221 4.17 -20.38 -1.62
N GLU A 222 5.15 -20.73 -0.77
CA GLU A 222 5.57 -19.85 0.29
C GLU A 222 6.40 -18.66 -0.21
N PRO A 223 5.90 -17.43 0.00
CA PRO A 223 6.72 -16.28 -0.37
C PRO A 223 7.86 -15.98 0.61
N ILE A 224 8.91 -15.37 0.06
CA ILE A 224 9.95 -14.71 0.84
C ILE A 224 9.37 -13.35 1.28
N GLN A 225 9.57 -13.03 2.56
CA GLN A 225 9.19 -11.74 3.10
C GLN A 225 10.40 -10.82 3.05
N LEU A 226 10.25 -9.68 2.37
CA LEU A 226 11.31 -8.68 2.30
C LEU A 226 10.70 -7.34 2.61
N HIS A 227 11.41 -6.52 3.39
CA HIS A 227 10.96 -5.15 3.69
C HIS A 227 10.85 -4.33 2.40
N ARG A 228 9.84 -3.46 2.32
CA ARG A 228 9.63 -2.59 1.16
C ARG A 228 10.91 -1.88 0.71
N GLU A 229 11.67 -1.32 1.66
CA GLU A 229 12.90 -0.62 1.31
C GLU A 229 14.09 -1.52 0.90
N GLN A 230 14.06 -2.79 1.31
CA GLN A 230 15.03 -3.76 0.77
C GLN A 230 14.73 -4.05 -0.69
N ILE A 231 13.44 -4.12 -1.03
CA ILE A 231 13.03 -4.33 -2.43
C ILE A 231 13.34 -3.08 -3.27
N LEU A 232 13.02 -1.90 -2.74
CA LEU A 232 13.29 -0.65 -3.43
C LEU A 232 14.77 -0.43 -3.72
N ALA A 233 15.63 -1.01 -2.87
CA ALA A 233 17.07 -0.87 -3.02
C ALA A 233 17.52 -1.37 -4.39
N PHE A 234 16.84 -2.39 -4.92
CA PHE A 234 17.12 -2.88 -6.28
C PHE A 234 16.94 -1.82 -7.35
N SER A 235 15.77 -1.19 -7.42
CA SER A 235 15.56 -0.12 -8.40
C SER A 235 16.32 1.19 -8.06
N GLN A 236 16.65 1.40 -6.79
CA GLN A 236 17.36 2.61 -6.38
C GLN A 236 18.85 2.55 -6.71
N LYS A 237 19.45 1.36 -6.69
CA LYS A 237 20.90 1.19 -6.83
C LYS A 237 21.40 0.69 -8.20
N LEU A 238 20.49 0.09 -8.97
CA LEU A 238 20.85 -0.60 -10.22
C LEU A 238 20.33 0.13 -11.47
N TYR A 239 21.09 0.04 -12.55
CA TYR A 239 20.70 0.60 -13.83
C TYR A 239 20.84 -0.43 -14.97
N TYR A 240 20.00 -0.25 -15.98
CA TYR A 240 20.06 -1.02 -17.20
C TYR A 240 21.27 -0.70 -18.11
N ASP A 241 21.80 0.52 -18.00
CA ASP A 241 22.79 1.06 -18.94
C ASP A 241 23.94 1.74 -18.21
N LYS A 242 25.13 1.81 -18.81
CA LYS A 242 26.27 2.47 -18.19
C LYS A 242 26.05 3.96 -18.05
N GLU A 243 25.24 4.59 -18.84
CA GLU A 243 24.80 5.98 -18.82
C GLU A 243 23.93 6.33 -17.60
N GLN A 244 23.44 5.30 -16.95
CA GLN A 244 22.57 5.41 -15.81
C GLN A 244 21.35 6.27 -16.07
N THR A 245 20.72 6.09 -17.22
CA THR A 245 19.54 6.88 -17.58
C THR A 245 18.24 6.16 -17.20
N VAL A 246 18.31 4.83 -17.04
CA VAL A 246 17.12 4.00 -16.74
C VAL A 246 17.39 3.08 -15.57
N SER A 247 16.77 3.36 -14.44
CA SER A 247 16.91 2.50 -13.28
C SER A 247 16.43 1.08 -13.59
N MET A 248 17.13 0.07 -13.08
CA MET A 248 16.70 -1.30 -13.30
C MET A 248 15.47 -1.65 -12.46
N LYS A 249 14.35 -1.79 -13.16
CA LYS A 249 13.09 -2.22 -12.57
C LYS A 249 12.19 -2.66 -13.74
N ASP A 250 11.11 -3.37 -13.41
CA ASP A 250 10.16 -3.89 -14.41
C ASP A 250 10.90 -4.73 -15.46
N ASN A 251 11.94 -5.41 -15.01
CA ASN A 251 12.65 -6.41 -15.80
C ASN A 251 11.87 -7.74 -15.77
N VAL A 252 10.66 -7.68 -16.30
CA VAL A 252 9.66 -8.74 -16.14
C VAL A 252 9.05 -9.03 -17.52
N ARG A 253 9.13 -10.28 -17.97
CA ARG A 253 8.41 -10.67 -19.18
C ARG A 253 6.91 -10.76 -18.92
N PRO A 254 6.08 -10.23 -19.85
CA PRO A 254 4.61 -10.40 -19.76
C PRO A 254 4.16 -11.89 -19.74
N LEU A 255 2.97 -12.11 -19.19
CA LEU A 255 2.38 -13.43 -19.05
C LEU A 255 2.13 -14.09 -20.40
N GLN A 256 2.38 -15.39 -20.44
CA GLN A 256 2.21 -16.21 -21.64
C GLN A 256 1.01 -17.15 -21.44
N GLN A 257 0.53 -17.75 -22.53
CA GLN A 257 -0.58 -18.68 -22.46
C GLN A 257 -0.14 -20.10 -22.12
N LEU A 258 -0.84 -20.70 -21.17
CA LEU A 258 -0.65 -22.09 -20.81
C LEU A 258 -0.86 -23.01 -22.03
N GLY A 259 -1.82 -22.67 -22.87
CA GLY A 259 -2.17 -23.51 -24.02
C GLY A 259 -2.68 -24.86 -23.54
N GLN A 260 -2.23 -25.93 -24.19
CA GLN A 260 -2.67 -27.29 -23.83
C GLN A 260 -1.82 -27.97 -22.73
N ARG A 261 -0.94 -27.22 -22.09
CA ARG A 261 -0.12 -27.74 -21.01
C ARG A 261 -0.92 -27.93 -19.70
N THR A 262 -0.35 -28.72 -18.79
CA THR A 262 -0.90 -28.98 -17.48
C THR A 262 0.08 -28.48 -16.41
N VAL A 263 -0.48 -27.88 -15.36
CA VAL A 263 0.24 -27.47 -14.17
C VAL A 263 -0.14 -28.44 -13.06
N ILE A 264 0.86 -29.02 -12.42
CA ILE A 264 0.63 -29.91 -11.28
C ILE A 264 1.20 -29.32 -10.00
N LYS A 265 0.84 -29.92 -8.87
CA LYS A 265 1.32 -29.43 -7.57
C LYS A 265 1.59 -30.57 -6.60
N SER A 266 2.48 -30.32 -5.65
CA SER A 266 2.77 -31.29 -4.61
C SER A 266 1.63 -31.39 -3.60
N HIS B 4 29.76 19.49 7.18
CA HIS B 4 29.77 18.48 8.27
C HIS B 4 28.35 18.10 8.69
N TRP B 5 27.37 18.98 8.50
CA TRP B 5 25.98 18.61 8.82
C TRP B 5 25.41 17.60 7.82
N CYS B 6 24.49 16.77 8.30
CA CYS B 6 23.84 15.76 7.47
C CYS B 6 22.44 15.45 7.98
N TYR B 7 21.71 14.70 7.17
CA TYR B 7 20.48 14.07 7.65
C TYR B 7 20.83 12.74 8.29
N GLU B 8 19.94 12.27 9.17
CA GLU B 8 20.09 10.99 9.84
C GLU B 8 20.42 9.79 8.91
N VAL B 9 19.73 9.71 7.77
CA VAL B 9 19.94 8.61 6.82
C VAL B 9 21.41 8.56 6.36
N GLN B 10 22.03 9.73 6.20
CA GLN B 10 23.42 9.79 5.78
C GLN B 10 24.38 9.20 6.82
N ALA B 11 24.20 9.60 8.08
CA ALA B 11 25.02 9.05 9.19
C ALA B 11 24.89 7.53 9.27
N GLU B 12 23.68 7.04 9.01
CA GLU B 12 23.35 5.62 9.09
C GLU B 12 23.96 4.79 7.97
N SER B 13 24.06 5.39 6.78
CA SER B 13 24.47 4.68 5.57
C SER B 13 25.96 4.85 5.28
N SER B 14 26.66 5.54 6.18
CA SER B 14 28.03 5.98 5.92
C SER B 14 28.94 5.84 7.14
N ASN B 15 30.23 5.62 6.88
CA ASN B 15 31.26 5.70 7.92
C ASN B 15 31.77 7.13 8.08
N TYR B 16 31.47 7.98 7.10
CA TYR B 16 31.83 9.40 7.14
C TYR B 16 31.12 10.10 8.31
N PRO B 17 31.89 10.60 9.29
CA PRO B 17 31.32 11.23 10.49
C PRO B 17 30.71 12.59 10.16
N CYS B 18 29.47 12.80 10.59
CA CYS B 18 28.74 14.02 10.26
C CYS B 18 27.75 14.40 11.37
N LEU B 19 27.37 15.67 11.42
CA LEU B 19 26.38 16.17 12.40
C LEU B 19 24.94 15.89 12.00
N VAL B 20 24.31 14.96 12.72
CA VAL B 20 22.91 14.61 12.49
C VAL B 20 21.99 15.76 12.96
N PRO B 21 20.75 15.79 12.46
CA PRO B 21 19.84 16.91 12.69
C PRO B 21 19.63 17.29 14.15
N VAL B 22 19.50 16.31 15.05
CA VAL B 22 19.33 16.61 16.49
C VAL B 22 20.56 17.30 17.12
N LYS B 23 21.70 17.21 16.44
CA LYS B 23 22.94 17.81 16.90
C LYS B 23 23.31 19.11 16.19
N TRP B 24 22.59 19.49 15.15
CA TRP B 24 22.88 20.73 14.48
C TRP B 24 22.98 21.87 15.50
N GLY B 25 23.97 22.74 15.29
CA GLY B 25 24.22 23.88 16.12
C GLY B 25 23.79 25.25 15.63
N GLY B 26 24.38 26.27 16.24
CA GLY B 26 24.11 27.64 15.92
C GLY B 26 22.67 28.06 16.07
N ASN B 27 22.13 28.75 15.08
CA ASN B 27 20.75 29.17 15.15
C ASN B 27 19.72 27.99 15.25
N CYS B 28 20.10 26.79 14.82
CA CYS B 28 19.26 25.59 14.96
C CYS B 28 18.88 25.25 16.41
N GLN B 29 19.58 25.84 17.39
CA GLN B 29 19.31 25.65 18.80
C GLN B 29 18.27 26.63 19.37
N LYS B 30 17.77 27.56 18.56
CA LYS B 30 16.84 28.59 19.07
C LYS B 30 15.40 28.06 19.10
N ASP B 31 14.43 28.88 19.51
CA ASP B 31 13.10 28.35 19.85
C ASP B 31 11.95 28.76 18.91
N ARG B 32 12.31 29.18 17.70
CA ARG B 32 11.32 29.48 16.67
C ARG B 32 11.72 28.80 15.37
N GLN B 33 11.82 27.48 15.46
CA GLN B 33 12.33 26.66 14.37
C GLN B 33 11.22 25.98 13.58
N SER B 34 11.59 25.47 12.40
CA SER B 34 10.69 24.74 11.51
C SER B 34 11.39 23.45 11.10
N PRO B 35 10.65 22.42 10.67
CA PRO B 35 9.20 22.37 10.46
C PRO B 35 8.45 22.06 11.74
N ILE B 36 7.12 22.07 11.63
CA ILE B 36 6.27 21.79 12.76
C ILE B 36 5.13 20.87 12.36
N ASN B 37 4.50 20.28 13.36
CA ASN B 37 3.20 19.69 13.21
C ASN B 37 2.11 20.78 13.37
N ILE B 38 1.18 20.86 12.42
CA ILE B 38 0.06 21.80 12.49
C ILE B 38 -1.23 21.08 12.95
N VAL B 39 -1.71 21.40 14.15
CA VAL B 39 -3.01 20.90 14.59
C VAL B 39 -4.02 21.84 13.92
N THR B 40 -4.65 21.34 12.86
CA THR B 40 -5.48 22.17 11.99
C THR B 40 -6.64 22.86 12.71
N THR B 41 -7.30 22.16 13.63
CA THR B 41 -8.39 22.77 14.41
C THR B 41 -7.90 23.83 15.40
N LYS B 42 -6.61 23.83 15.71
CA LYS B 42 -6.06 24.84 16.62
C LYS B 42 -5.55 26.12 15.92
N ALA B 43 -5.39 26.08 14.61
CA ALA B 43 -4.96 27.27 13.86
C ALA B 43 -6.14 28.23 13.68
N LYS B 44 -6.01 29.45 14.18
CA LYS B 44 -7.10 30.45 14.07
C LYS B 44 -7.24 31.07 12.68
N VAL B 45 -8.47 31.25 12.23
CA VAL B 45 -8.71 31.96 10.98
C VAL B 45 -8.38 33.44 11.16
N ASP B 46 -7.58 33.96 10.23
CA ASP B 46 -7.27 35.39 10.15
C ASP B 46 -7.78 35.90 8.81
N LYS B 47 -8.76 36.80 8.86
CA LYS B 47 -9.41 37.33 7.65
C LYS B 47 -8.47 38.20 6.79
N LYS B 48 -7.39 38.70 7.39
CA LYS B 48 -6.37 39.46 6.64
C LYS B 48 -5.52 38.61 5.69
N LEU B 49 -5.57 37.30 5.85
CA LEU B 49 -4.83 36.39 4.97
C LEU B 49 -5.58 36.16 3.65
N GLY B 50 -5.28 37.00 2.66
CA GLY B 50 -6.00 37.00 1.39
C GLY B 50 -5.34 36.14 0.33
N ARG B 51 -5.86 36.20 -0.89
CA ARG B 51 -5.26 35.44 -1.99
C ARG B 51 -3.84 35.89 -2.31
N PHE B 52 -3.05 34.95 -2.81
CA PHE B 52 -1.73 35.25 -3.35
C PHE B 52 -1.86 35.80 -4.77
N PHE B 53 -0.90 36.62 -5.19
CA PHE B 53 -0.74 37.00 -6.59
C PHE B 53 0.59 36.43 -7.07
N PHE B 54 0.52 35.57 -8.07
CA PHE B 54 1.72 34.96 -8.63
C PHE B 54 2.13 35.73 -9.89
N SER B 55 3.41 36.04 -10.00
CA SER B 55 3.92 36.67 -11.21
C SER B 55 5.07 35.84 -11.74
N GLY B 56 5.02 35.52 -13.03
CA GLY B 56 6.03 34.66 -13.65
C GLY B 56 5.83 33.16 -13.46
N TYR B 57 4.72 32.77 -12.84
CA TYR B 57 4.42 31.35 -12.57
C TYR B 57 3.78 30.63 -13.76
N ASP B 58 3.09 31.40 -14.59
CA ASP B 58 2.34 30.87 -15.73
C ASP B 58 3.20 30.60 -16.96
N LYS B 59 4.33 31.30 -17.09
CA LYS B 59 5.10 31.23 -18.34
C LYS B 59 6.12 30.10 -18.44
N LYS B 60 6.20 29.54 -19.65
CA LYS B 60 7.08 28.41 -19.96
C LYS B 60 8.52 28.89 -20.04
N GLN B 61 9.39 28.20 -19.32
CA GLN B 61 10.82 28.51 -19.24
C GLN B 61 11.57 27.19 -19.30
N THR B 62 12.80 27.22 -19.79
CA THR B 62 13.72 26.11 -19.55
C THR B 62 14.45 26.47 -18.25
N TRP B 63 14.41 25.60 -17.26
CA TRP B 63 14.98 25.92 -15.96
C TRP B 63 16.30 25.20 -15.73
N THR B 64 17.21 25.85 -15.02
CA THR B 64 18.39 25.15 -14.51
C THR B 64 17.98 24.42 -13.24
N VAL B 65 18.26 23.12 -13.21
CA VAL B 65 18.00 22.31 -12.03
C VAL B 65 19.31 21.59 -11.68
N GLN B 66 19.64 21.57 -10.38
CA GLN B 66 20.88 20.96 -9.90
C GLN B 66 20.73 20.17 -8.60
N ASN B 67 21.70 19.29 -8.37
CA ASN B 67 21.79 18.46 -7.19
C ASN B 67 22.81 19.16 -6.31
N ASN B 68 22.36 19.65 -5.15
CA ASN B 68 23.24 20.40 -4.25
C ASN B 68 23.82 19.54 -3.12
N GLY B 69 23.60 18.23 -3.20
CA GLY B 69 23.99 17.33 -2.12
C GLY B 69 22.97 17.12 -1.01
N HIS B 70 21.86 17.85 -1.03
CA HIS B 70 20.84 17.76 0.05
C HIS B 70 19.45 17.64 -0.52
N SER B 71 19.31 18.13 -1.76
CA SER B 71 18.06 18.14 -2.47
C SER B 71 18.35 18.35 -3.96
N VAL B 72 17.28 18.36 -4.74
CA VAL B 72 17.33 18.85 -6.11
C VAL B 72 16.72 20.27 -6.10
N MET B 73 17.38 21.19 -6.81
CA MET B 73 17.01 22.59 -6.76
C MET B 73 16.91 23.25 -8.13
N MET B 74 15.71 23.77 -8.46
CA MET B 74 15.51 24.64 -9.62
C MET B 74 15.88 26.08 -9.28
N LEU B 75 16.67 26.70 -10.13
CA LEU B 75 17.06 28.08 -9.95
C LEU B 75 16.05 29.00 -10.59
N LEU B 76 15.42 29.82 -9.76
CA LEU B 76 14.33 30.68 -10.26
C LEU B 76 14.76 32.12 -10.51
N GLU B 77 15.99 32.46 -10.09
CA GLU B 77 16.67 33.70 -10.49
C GLU B 77 15.77 34.91 -10.78
N ASN B 78 14.94 35.13 -9.92
CA ASN B 78 14.05 36.29 -10.05
C ASN B 78 13.18 36.25 -11.30
N LYS B 79 13.03 35.07 -11.91
CA LYS B 79 12.13 34.86 -13.04
C LYS B 79 10.67 34.84 -12.59
N ALA B 80 10.38 34.90 -11.31
CA ALA B 80 9.06 34.82 -10.73
C ALA B 80 9.03 35.55 -9.39
N SER B 81 7.85 35.89 -8.95
CA SER B 81 7.65 36.64 -7.70
C SER B 81 6.23 36.48 -7.19
N ILE B 82 6.01 36.83 -5.93
CA ILE B 82 4.69 36.75 -5.30
C ILE B 82 4.37 38.03 -4.51
N SER B 83 3.08 38.32 -4.38
CA SER B 83 2.55 39.32 -3.43
C SER B 83 1.23 38.79 -2.90
N GLY B 84 0.52 39.58 -2.10
CA GLY B 84 -0.70 39.12 -1.44
C GLY B 84 -0.39 38.11 -0.35
N GLY B 85 -1.34 37.24 -0.05
CA GLY B 85 -1.15 36.15 0.92
C GLY B 85 -0.79 36.63 2.32
N GLY B 86 -1.25 37.84 2.66
CA GLY B 86 -0.99 38.43 3.96
C GLY B 86 0.45 38.85 4.17
N LEU B 87 1.22 38.88 3.08
CA LEU B 87 2.64 39.25 3.08
C LEU B 87 2.82 40.78 3.15
N PRO B 88 3.87 41.24 3.87
CA PRO B 88 4.11 42.68 4.04
C PRO B 88 4.70 43.39 2.82
N ALA B 89 5.18 42.63 1.84
CA ALA B 89 5.89 43.18 0.68
C ALA B 89 5.88 42.13 -0.42
N PRO B 90 6.28 42.52 -1.65
CA PRO B 90 6.50 41.49 -2.69
C PRO B 90 7.76 40.69 -2.41
N TYR B 91 7.82 39.45 -2.90
CA TYR B 91 8.96 38.58 -2.67
C TYR B 91 9.42 38.00 -3.99
N GLN B 92 10.73 37.97 -4.18
CA GLN B 92 11.30 37.44 -5.41
C GLN B 92 11.64 35.97 -5.25
N ALA B 93 11.30 35.17 -6.27
CA ALA B 93 11.56 33.74 -6.25
C ALA B 93 13.03 33.49 -6.48
N LYS B 94 13.62 32.65 -5.65
CA LYS B 94 15.06 32.35 -5.72
C LYS B 94 15.30 30.92 -6.20
N GLN B 95 14.56 29.98 -5.61
CA GLN B 95 14.72 28.57 -5.93
C GLN B 95 13.55 27.73 -5.47
N LEU B 96 13.38 26.59 -6.13
CA LEU B 96 12.45 25.54 -5.75
C LEU B 96 13.20 24.21 -5.49
N HIS B 97 12.89 23.54 -4.39
CA HIS B 97 13.52 22.26 -4.08
C HIS B 97 12.50 21.37 -3.36
N LEU B 98 12.90 20.14 -3.05
CA LEU B 98 11.98 19.18 -2.47
C LEU B 98 12.59 18.35 -1.35
N HIS B 99 11.72 17.79 -0.53
CA HIS B 99 12.11 16.82 0.50
C HIS B 99 11.21 15.61 0.29
N TRP B 100 11.72 14.41 0.54
CA TRP B 100 10.96 13.21 0.20
C TRP B 100 11.50 11.96 0.89
N SER B 101 10.78 10.87 0.76
CA SER B 101 11.22 9.56 1.20
C SER B 101 10.90 8.57 0.07
N ASP B 102 10.83 7.30 0.40
CA ASP B 102 10.43 6.28 -0.56
C ASP B 102 9.24 5.46 -0.05
N LEU B 103 8.60 5.96 1.01
CA LEU B 103 7.40 5.34 1.54
C LEU B 103 6.29 6.39 1.59
N PRO B 104 5.04 6.01 1.24
CA PRO B 104 3.97 7.02 1.05
C PRO B 104 3.55 7.79 2.32
N TYR B 105 3.89 7.27 3.50
CA TYR B 105 3.43 7.82 4.78
C TYR B 105 4.44 8.78 5.41
N LYS B 106 5.51 9.06 4.69
CA LYS B 106 6.51 9.99 5.16
C LYS B 106 7.24 10.59 3.97
N GLY B 107 8.01 11.63 4.24
CA GLY B 107 8.70 12.37 3.20
C GLY B 107 8.59 13.88 3.35
N SER B 108 7.50 14.34 3.96
CA SER B 108 7.28 15.78 4.14
C SER B 108 7.97 16.25 5.42
N GLU B 109 8.23 17.55 5.48
CA GLU B 109 8.81 18.13 6.68
C GLU B 109 7.72 18.56 7.66
N HIS B 110 6.71 19.27 7.17
CA HIS B 110 5.51 19.58 7.96
C HIS B 110 4.57 18.38 7.96
N SER B 111 3.79 18.27 9.03
CA SER B 111 2.69 17.33 9.10
C SER B 111 1.39 18.10 9.45
N LEU B 112 0.26 17.55 9.03
CA LEU B 112 -1.04 18.11 9.36
C LEU B 112 -1.78 17.10 10.23
N ASP B 113 -2.05 17.48 11.48
CA ASP B 113 -2.70 16.58 12.43
C ASP B 113 -1.98 15.22 12.52
N GLY B 114 -0.65 15.24 12.43
CA GLY B 114 0.15 14.01 12.56
C GLY B 114 0.37 13.28 11.27
N GLU B 115 -0.30 13.72 10.21
CA GLU B 115 -0.21 13.07 8.90
C GLU B 115 0.97 13.63 8.16
N HIS B 116 1.93 12.77 7.81
CA HIS B 116 3.01 13.16 6.91
C HIS B 116 2.62 12.80 5.47
N PHE B 117 3.14 13.55 4.52
CA PHE B 117 2.90 13.27 3.11
C PHE B 117 4.17 12.70 2.46
N ALA B 118 4.05 12.24 1.22
CA ALA B 118 5.15 11.56 0.54
C ALA B 118 6.30 12.51 0.19
N MET B 119 5.98 13.76 -0.16
CA MET B 119 7.01 14.77 -0.38
C MET B 119 6.53 16.12 0.13
N GLU B 120 7.46 17.07 0.15
CA GLU B 120 7.15 18.47 0.38
C GLU B 120 8.01 19.31 -0.57
N MET B 121 7.36 20.21 -1.31
CA MET B 121 8.03 21.14 -2.22
C MET B 121 8.11 22.52 -1.56
N HIS B 122 9.29 23.14 -1.63
CA HIS B 122 9.51 24.45 -1.06
C HIS B 122 9.92 25.45 -2.15
N ILE B 123 9.11 26.48 -2.34
CA ILE B 123 9.50 27.58 -3.23
C ILE B 123 9.96 28.76 -2.38
N VAL B 124 11.25 29.07 -2.49
CA VAL B 124 11.93 29.96 -1.56
C VAL B 124 12.00 31.35 -2.19
N HIS B 125 11.43 32.34 -1.50
CA HIS B 125 11.40 33.71 -1.98
C HIS B 125 12.13 34.63 -1.00
N GLU B 126 12.62 35.76 -1.51
CA GLU B 126 13.34 36.72 -0.71
C GLU B 126 12.61 38.08 -0.75
N LYS B 127 12.48 38.70 0.42
CA LYS B 127 11.73 39.94 0.56
C LYS B 127 12.35 41.09 -0.24
N GLU B 128 11.50 41.87 -0.90
CA GLU B 128 11.98 43.09 -1.54
C GLU B 128 12.00 44.21 -0.50
N LYS B 129 13.16 44.45 0.08
CA LYS B 129 13.31 45.47 1.12
C LYS B 129 13.51 46.86 0.53
N GLY B 130 13.30 47.89 1.35
CA GLY B 130 13.70 49.27 1.04
C GLY B 130 15.09 49.52 1.57
N THR B 131 15.58 50.75 1.45
CA THR B 131 16.92 51.12 1.96
C THR B 131 16.98 51.14 3.49
N ASP B 140 18.11 42.27 9.04
CA ASP B 140 17.25 41.22 8.48
C ASP B 140 16.07 40.90 9.40
N PRO B 141 14.83 41.08 8.90
CA PRO B 141 13.65 40.83 9.72
C PRO B 141 13.35 39.32 9.87
N GLU B 142 12.33 39.00 10.67
CA GLU B 142 11.88 37.63 10.83
C GLU B 142 11.08 37.11 9.62
N ASP B 143 10.86 37.99 8.64
CA ASP B 143 10.14 37.61 7.40
C ASP B 143 10.91 37.93 6.11
N GLU B 144 12.23 38.01 6.25
CA GLU B 144 13.16 38.19 5.12
C GLU B 144 12.95 37.16 3.99
N ILE B 145 12.64 35.92 4.37
CA ILE B 145 12.40 34.86 3.40
C ILE B 145 10.96 34.35 3.49
N ALA B 146 10.32 34.18 2.34
CA ALA B 146 8.98 33.59 2.33
C ALA B 146 9.09 32.23 1.65
N VAL B 147 8.77 31.16 2.36
CA VAL B 147 8.73 29.84 1.72
C VAL B 147 7.28 29.38 1.50
N LEU B 148 6.98 29.04 0.25
CA LEU B 148 5.68 28.45 -0.08
C LEU B 148 5.87 26.94 -0.02
N ALA B 149 5.07 26.26 0.81
CA ALA B 149 5.20 24.83 1.02
C ALA B 149 3.96 24.07 0.52
N PHE B 150 4.22 23.08 -0.33
CA PHE B 150 3.19 22.25 -0.90
C PHE B 150 3.45 20.81 -0.55
N LEU B 151 2.43 20.14 -0.05
CA LEU B 151 2.52 18.73 0.29
C LEU B 151 2.20 17.87 -0.94
N VAL B 152 2.93 16.78 -1.11
CA VAL B 152 2.72 15.85 -2.22
C VAL B 152 2.17 14.52 -1.69
N GLU B 153 1.08 14.04 -2.30
CA GLU B 153 0.59 12.69 -2.04
C GLU B 153 0.56 11.86 -3.33
N ALA B 154 0.50 10.54 -3.20
CA ALA B 154 0.40 9.68 -4.37
C ALA B 154 -0.97 9.83 -5.05
N GLY B 155 -0.95 10.05 -6.37
CA GLY B 155 -2.15 9.97 -7.19
C GLY B 155 -2.18 8.63 -7.89
N THR B 156 -3.24 8.40 -8.67
CA THR B 156 -3.28 7.24 -9.55
C THR B 156 -2.94 7.61 -11.00
N GLN B 157 -2.86 8.92 -11.25
CA GLN B 157 -2.55 9.49 -12.55
C GLN B 157 -1.10 9.98 -12.61
N VAL B 158 -0.48 9.89 -13.78
CA VAL B 158 0.79 10.58 -14.01
C VAL B 158 0.53 12.10 -14.04
N ASN B 159 1.27 12.85 -13.23
CA ASN B 159 1.18 14.31 -13.24
C ASN B 159 2.11 14.83 -14.33
N GLU B 160 1.53 15.16 -15.48
CA GLU B 160 2.31 15.56 -16.66
C GLU B 160 3.11 16.83 -16.43
N GLY B 161 2.60 17.71 -15.57
CA GLY B 161 3.30 18.95 -15.20
C GLY B 161 4.67 18.69 -14.61
N PHE B 162 4.80 17.58 -13.88
CA PHE B 162 6.06 17.18 -13.26
C PHE B 162 7.02 16.41 -14.15
N GLN B 163 6.58 16.04 -15.34
CA GLN B 163 7.45 15.24 -16.19
C GLN B 163 8.80 15.88 -16.60
N PRO B 164 8.82 17.19 -16.95
CA PRO B 164 10.14 17.76 -17.27
C PRO B 164 11.13 17.68 -16.11
N LEU B 165 10.67 17.93 -14.89
CA LEU B 165 11.54 17.81 -13.72
C LEU B 165 12.00 16.37 -13.49
N VAL B 166 11.07 15.45 -13.42
CA VAL B 166 11.40 14.04 -13.21
C VAL B 166 12.43 13.57 -14.27
N GLU B 167 12.21 13.99 -15.49
CA GLU B 167 13.07 13.60 -16.58
C GLU B 167 14.50 14.15 -16.47
N ALA B 168 14.66 15.33 -15.89
CA ALA B 168 15.97 15.93 -15.78
C ALA B 168 16.84 15.29 -14.74
N LEU B 169 16.24 14.59 -13.82
CA LEU B 169 16.97 13.99 -12.68
C LEU B 169 18.10 13.05 -13.09
N SER B 170 17.90 12.30 -14.19
CA SER B 170 18.92 11.38 -14.68
C SER B 170 20.25 12.08 -14.98
N ASN B 171 20.16 13.36 -15.33
CA ASN B 171 21.30 14.15 -15.72
C ASN B 171 22.06 14.75 -14.53
N ILE B 172 21.49 14.67 -13.33
CA ILE B 172 22.12 15.24 -12.13
C ILE B 172 22.19 14.24 -10.96
N PRO B 173 22.70 13.00 -11.20
CA PRO B 173 22.65 12.02 -10.11
C PRO B 173 23.48 12.36 -8.87
N LYS B 174 24.56 13.12 -9.04
CA LYS B 174 25.50 13.39 -7.94
C LYS B 174 25.55 14.87 -7.58
N PRO B 175 26.00 15.20 -6.37
CA PRO B 175 26.10 16.62 -5.99
C PRO B 175 27.03 17.44 -6.92
N GLU B 176 26.70 18.72 -7.08
CA GLU B 176 27.40 19.66 -7.98
C GLU B 176 27.16 19.43 -9.47
N MET B 177 26.18 18.59 -9.80
CA MET B 177 25.78 18.44 -11.19
C MET B 177 24.59 19.34 -11.44
N SER B 178 24.51 19.81 -12.68
CA SER B 178 23.54 20.81 -13.10
C SER B 178 23.07 20.45 -14.51
N THR B 179 21.80 20.69 -14.80
CA THR B 179 21.24 20.42 -16.13
C THR B 179 20.12 21.41 -16.48
N THR B 180 19.64 21.34 -17.72
CA THR B 180 18.51 22.16 -18.16
C THR B 180 17.27 21.29 -18.33
N MET B 181 16.16 21.67 -17.71
CA MET B 181 14.90 20.93 -17.96
C MET B 181 14.11 21.49 -19.15
N ALA B 182 13.32 20.63 -19.79
CA ALA B 182 12.45 21.01 -20.91
C ALA B 182 11.47 22.12 -20.51
N GLU B 183 10.98 22.88 -21.49
CA GLU B 183 10.02 23.95 -21.23
C GLU B 183 8.87 23.55 -20.30
N SER B 184 8.67 24.37 -19.27
CA SER B 184 7.68 24.12 -18.24
C SER B 184 7.46 25.39 -17.43
N SER B 185 6.31 25.48 -16.77
CA SER B 185 6.00 26.62 -15.90
C SER B 185 5.97 26.15 -14.46
N LEU B 186 5.98 27.09 -13.52
CA LEU B 186 5.83 26.76 -12.12
C LEU B 186 4.40 26.28 -11.81
N LEU B 187 3.42 26.88 -12.48
CA LEU B 187 2.02 26.42 -12.43
C LEU B 187 1.81 24.95 -12.79
N ASP B 188 2.59 24.44 -13.75
CA ASP B 188 2.63 23.00 -14.07
C ASP B 188 2.89 22.14 -12.83
N LEU B 189 3.70 22.65 -11.90
CA LEU B 189 4.10 21.89 -10.71
C LEU B 189 3.11 22.00 -9.55
N LEU B 190 2.13 22.88 -9.67
CA LEU B 190 1.31 23.23 -8.52
C LEU B 190 -0.13 22.70 -8.67
N PRO B 191 -0.92 22.71 -7.57
CA PRO B 191 -2.35 22.46 -7.74
C PRO B 191 -2.99 23.65 -8.47
N LYS B 192 -4.25 23.52 -8.87
CA LYS B 192 -4.93 24.63 -9.55
C LYS B 192 -5.01 25.84 -8.65
N GLU B 193 -4.78 27.01 -9.23
CA GLU B 193 -4.74 28.27 -8.48
C GLU B 193 -5.96 28.48 -7.60
N GLU B 194 -7.14 28.13 -8.11
CA GLU B 194 -8.40 28.28 -7.39
C GLU B 194 -8.41 27.52 -6.07
N LYS B 195 -7.59 26.48 -5.97
CA LYS B 195 -7.52 25.68 -4.76
C LYS B 195 -6.39 26.13 -3.82
N LEU B 196 -5.75 27.25 -4.15
CA LEU B 196 -4.67 27.75 -3.31
C LEU B 196 -5.12 28.86 -2.36
N ARG B 197 -6.42 28.94 -2.10
CA ARG B 197 -7.00 29.94 -1.20
C ARG B 197 -6.92 29.58 0.29
N HIS B 198 -6.85 28.28 0.58
CA HIS B 198 -6.72 27.77 1.96
C HIS B 198 -5.26 27.43 2.27
N TYR B 199 -4.70 28.13 3.25
CA TYR B 199 -3.34 27.91 3.68
C TYR B 199 -3.15 28.22 5.15
N PHE B 200 -2.13 27.61 5.74
CA PHE B 200 -1.70 27.88 7.09
C PHE B 200 -0.50 28.83 7.05
N ARG B 201 -0.29 29.56 8.12
CA ARG B 201 0.72 30.60 8.18
C ARG B 201 1.35 30.63 9.57
N TYR B 202 2.67 30.69 9.61
CA TYR B 202 3.39 30.89 10.88
C TYR B 202 4.80 31.41 10.61
N LEU B 203 5.43 31.94 11.66
CA LEU B 203 6.83 32.38 11.57
C LEU B 203 7.78 31.31 12.06
N GLY B 204 8.83 31.07 11.27
CA GLY B 204 9.82 30.08 11.66
C GLY B 204 11.19 30.27 11.04
N SER B 205 11.81 29.15 10.72
CA SER B 205 13.18 29.14 10.30
C SER B 205 13.41 28.40 8.99
N LEU B 206 14.61 28.53 8.46
CA LEU B 206 15.06 27.62 7.41
C LEU B 206 15.21 26.21 8.04
N THR B 207 15.08 25.17 7.21
CA THR B 207 15.08 23.80 7.75
C THR B 207 16.40 23.06 7.50
N THR B 208 17.43 23.80 7.11
CA THR B 208 18.81 23.28 7.04
C THR B 208 19.72 24.30 7.73
N PRO B 209 20.89 23.86 8.26
CA PRO B 209 21.80 24.83 8.89
C PRO B 209 22.14 25.95 7.89
N THR B 210 22.23 27.20 8.32
CA THR B 210 22.25 27.59 9.73
C THR B 210 20.88 27.84 10.42
N CYS B 211 19.79 27.36 9.81
CA CYS B 211 18.45 27.42 10.41
C CYS B 211 18.02 28.83 10.87
N ASP B 212 18.36 29.85 10.09
CA ASP B 212 18.07 31.24 10.48
C ASP B 212 16.58 31.42 10.67
N GLU B 213 16.20 32.15 11.73
CA GLU B 213 14.78 32.43 12.01
C GLU B 213 14.33 33.70 11.31
N LYS B 214 14.19 33.57 9.99
CA LYS B 214 13.84 34.70 9.14
C LYS B 214 12.82 34.29 8.07
N VAL B 215 12.09 33.21 8.34
CA VAL B 215 11.14 32.69 7.38
C VAL B 215 9.67 32.91 7.78
N VAL B 216 8.91 33.51 6.88
CA VAL B 216 7.45 33.47 6.98
C VAL B 216 6.98 32.25 6.18
N TRP B 217 6.40 31.27 6.87
CA TRP B 217 5.96 30.02 6.24
C TRP B 217 4.54 30.11 5.74
N THR B 218 4.30 29.46 4.60
CA THR B 218 2.96 29.22 4.09
C THR B 218 2.86 27.76 3.69
N VAL B 219 1.95 27.02 4.33
CA VAL B 219 1.67 25.64 3.98
C VAL B 219 0.25 25.53 3.41
N PHE B 220 0.18 25.25 2.11
CA PHE B 220 -1.11 25.15 1.46
C PHE B 220 -1.81 23.85 1.87
N ARG B 221 -3.12 23.94 2.09
CA ARG B 221 -3.90 22.75 2.44
C ARG B 221 -4.09 21.79 1.26
N GLU B 222 -4.12 22.32 0.03
CA GLU B 222 -4.31 21.47 -1.14
C GLU B 222 -3.02 20.72 -1.53
N PRO B 223 -3.04 19.38 -1.49
CA PRO B 223 -1.83 18.67 -1.89
C PRO B 223 -1.68 18.55 -3.41
N ILE B 224 -0.43 18.46 -3.87
CA ILE B 224 -0.09 18.03 -5.22
C ILE B 224 -0.24 16.50 -5.27
N GLN B 225 -0.70 15.97 -6.40
CA GLN B 225 -0.75 14.55 -6.59
C GLN B 225 0.24 14.14 -7.66
N LEU B 226 1.10 13.19 -7.32
CA LEU B 226 2.02 12.55 -8.25
C LEU B 226 1.76 11.05 -8.25
N HIS B 227 2.01 10.40 -9.38
CA HIS B 227 2.04 8.95 -9.44
C HIS B 227 3.14 8.44 -8.50
N ARG B 228 2.90 7.31 -7.83
CA ARG B 228 3.88 6.73 -6.89
C ARG B 228 5.27 6.59 -7.51
N GLU B 229 5.31 6.25 -8.79
CA GLU B 229 6.58 6.08 -9.49
C GLU B 229 7.27 7.40 -9.85
N GLN B 230 6.50 8.48 -9.95
CA GLN B 230 7.09 9.80 -10.07
C GLN B 230 7.77 10.22 -8.75
N ILE B 231 7.17 9.87 -7.62
CA ILE B 231 7.79 10.12 -6.31
C ILE B 231 9.03 9.25 -6.14
N LEU B 232 8.93 7.97 -6.50
CA LEU B 232 10.06 7.06 -6.41
C LEU B 232 11.25 7.46 -7.28
N ALA B 233 10.99 8.13 -8.41
CA ALA B 233 12.07 8.60 -9.31
C ALA B 233 13.12 9.42 -8.56
N PHE B 234 12.68 10.12 -7.52
CA PHE B 234 13.58 10.99 -6.77
C PHE B 234 14.67 10.20 -6.05
N SER B 235 14.27 9.20 -5.25
CA SER B 235 15.22 8.29 -4.59
C SER B 235 15.95 7.35 -5.53
N GLN B 236 15.35 7.04 -6.68
CA GLN B 236 15.98 6.14 -7.64
C GLN B 236 17.06 6.80 -8.51
N LYS B 237 16.92 8.09 -8.76
CA LYS B 237 17.84 8.81 -9.65
C LYS B 237 18.92 9.64 -8.98
N LEU B 238 18.75 9.92 -7.69
CA LEU B 238 19.60 10.91 -7.01
C LEU B 238 20.40 10.35 -5.86
N TYR B 239 21.56 10.94 -5.62
CA TYR B 239 22.48 10.47 -4.58
C TYR B 239 22.98 11.65 -3.77
N TYR B 240 23.16 11.42 -2.47
CA TYR B 240 23.71 12.41 -1.57
C TYR B 240 25.19 12.71 -1.86
N ASP B 241 25.88 11.75 -2.45
CA ASP B 241 27.35 11.76 -2.46
C ASP B 241 27.95 11.57 -3.86
N LYS B 242 29.13 12.12 -4.05
CA LYS B 242 29.82 12.05 -5.34
C LYS B 242 30.27 10.63 -5.66
N GLU B 243 30.42 9.77 -4.65
CA GLU B 243 30.80 8.38 -4.86
C GLU B 243 29.59 7.52 -5.21
N GLN B 244 28.47 8.00 -5.09
CA GLN B 244 27.20 7.39 -5.51
C GLN B 244 26.95 6.10 -4.69
N THR B 245 27.00 6.22 -3.37
CA THR B 245 26.79 5.09 -2.47
C THR B 245 25.48 5.22 -1.68
N VAL B 246 25.06 6.45 -1.42
CA VAL B 246 23.84 6.71 -0.66
C VAL B 246 22.76 7.40 -1.49
N SER B 247 21.67 6.68 -1.77
CA SER B 247 20.55 7.25 -2.51
C SER B 247 19.89 8.39 -1.74
N MET B 248 19.47 9.42 -2.47
CA MET B 248 18.90 10.60 -1.84
C MET B 248 17.44 10.37 -1.47
N LYS B 249 17.18 10.32 -0.17
CA LYS B 249 15.83 10.20 0.38
C LYS B 249 15.91 10.49 1.88
N ASP B 250 14.77 10.71 2.52
CA ASP B 250 14.73 11.07 3.94
C ASP B 250 15.61 12.29 4.22
N ASN B 251 15.64 13.21 3.24
CA ASN B 251 16.24 14.52 3.43
C ASN B 251 15.26 15.45 4.14
N VAL B 252 14.97 15.09 5.38
CA VAL B 252 13.89 15.66 6.17
C VAL B 252 14.42 16.01 7.55
N ARG B 253 14.25 17.27 7.94
CA ARG B 253 14.55 17.70 9.31
C ARG B 253 13.41 17.26 10.24
N PRO B 254 13.74 16.67 11.41
CA PRO B 254 12.72 16.34 12.42
C PRO B 254 11.88 17.55 12.82
N LEU B 255 10.68 17.25 13.32
CA LEU B 255 9.72 18.24 13.79
C LEU B 255 10.24 19.03 15.00
N GLN B 256 9.92 20.32 15.01
CA GLN B 256 10.31 21.24 16.07
C GLN B 256 9.09 21.68 16.86
N GLN B 257 9.30 22.17 18.08
CA GLN B 257 8.22 22.60 18.94
C GLN B 257 7.81 24.03 18.61
N LEU B 258 6.51 24.26 18.70
CA LEU B 258 5.90 25.55 18.37
C LEU B 258 6.36 26.65 19.34
N GLY B 259 6.49 26.31 20.62
CA GLY B 259 6.87 27.27 21.66
C GLY B 259 5.83 28.37 21.87
N GLN B 260 6.28 29.62 21.78
CA GLN B 260 5.40 30.76 21.98
C GLN B 260 4.48 31.06 20.79
N ARG B 261 4.71 30.37 19.68
CA ARG B 261 4.10 30.74 18.40
C ARG B 261 2.65 30.31 18.20
N THR B 262 1.98 31.03 17.31
CA THR B 262 0.63 30.68 16.87
C THR B 262 0.68 30.38 15.38
N VAL B 263 -0.09 29.38 14.98
CA VAL B 263 -0.35 29.13 13.57
C VAL B 263 -1.72 29.75 13.27
N ILE B 264 -1.79 30.49 12.17
CA ILE B 264 -3.04 31.03 11.69
C ILE B 264 -3.36 30.46 10.31
N LYS B 265 -4.57 30.73 9.83
CA LYS B 265 -5.01 30.22 8.54
C LYS B 265 -5.96 31.18 7.85
N SER B 266 -5.98 31.13 6.52
CA SER B 266 -6.89 31.95 5.73
C SER B 266 -8.33 31.43 5.85
N SER C 3 19.02 -11.26 19.87
CA SER C 3 18.84 -11.64 21.31
C SER C 3 17.40 -11.37 21.74
N HIS C 4 17.22 -10.76 22.93
CA HIS C 4 15.89 -10.42 23.45
C HIS C 4 15.43 -9.03 22.97
N TRP C 5 14.12 -8.80 22.95
CA TRP C 5 13.60 -7.52 22.46
C TRP C 5 13.88 -6.36 23.41
N CYS C 6 14.01 -5.17 22.84
CA CYS C 6 14.25 -3.98 23.62
C CYS C 6 13.62 -2.79 22.91
N TYR C 7 13.62 -1.65 23.61
CA TYR C 7 13.27 -0.38 22.98
C TYR C 7 14.52 0.22 22.39
N GLU C 8 14.33 1.05 21.36
CA GLU C 8 15.42 1.69 20.67
C GLU C 8 16.45 2.34 21.61
N VAL C 9 15.99 3.09 22.61
CA VAL C 9 16.88 3.71 23.59
C VAL C 9 17.87 2.73 24.24
N GLN C 10 17.44 1.49 24.50
CA GLN C 10 18.28 0.51 25.18
C GLN C 10 19.46 0.09 24.31
N ALA C 11 19.20 -0.13 23.03
CA ALA C 11 20.24 -0.50 22.06
C ALA C 11 21.27 0.61 21.89
N GLU C 12 20.81 1.87 21.92
CA GLU C 12 21.67 3.03 21.78
C GLU C 12 22.54 3.25 23.03
N SER C 13 22.06 2.80 24.17
CA SER C 13 22.73 3.09 25.45
C SER C 13 23.59 1.92 25.94
N SER C 14 23.71 0.89 25.12
CA SER C 14 24.38 -0.33 25.56
C SER C 14 25.08 -1.07 24.43
N ASN C 15 26.19 -1.71 24.76
CA ASN C 15 26.89 -2.61 23.84
C ASN C 15 26.18 -3.95 23.73
N TYR C 16 25.20 -4.17 24.61
CA TYR C 16 24.49 -5.45 24.70
C TYR C 16 23.51 -5.63 23.54
N PRO C 17 23.70 -6.70 22.73
CA PRO C 17 22.83 -6.93 21.58
C PRO C 17 21.39 -7.24 21.99
N CYS C 18 20.44 -6.55 21.34
CA CYS C 18 19.01 -6.75 21.55
C CYS C 18 18.21 -6.33 20.30
N LEU C 19 16.98 -6.83 20.17
CA LEU C 19 16.13 -6.57 18.99
C LEU C 19 15.30 -5.30 19.16
N VAL C 20 15.64 -4.29 18.35
CA VAL C 20 14.96 -2.99 18.38
C VAL C 20 13.57 -3.10 17.75
N PRO C 21 12.66 -2.14 18.04
CA PRO C 21 11.28 -2.28 17.56
C PRO C 21 11.13 -2.64 16.08
N VAL C 22 11.97 -2.09 15.20
CA VAL C 22 11.85 -2.37 13.76
C VAL C 22 12.16 -3.82 13.40
N LYS C 23 12.90 -4.49 14.30
CA LYS C 23 13.32 -5.87 14.11
C LYS C 23 12.53 -6.89 14.96
N TRP C 24 11.55 -6.41 15.68
CA TRP C 24 10.72 -7.28 16.49
C TRP C 24 10.06 -8.41 15.67
N GLY C 25 10.02 -9.60 16.29
CA GLY C 25 9.42 -10.72 15.66
C GLY C 25 7.97 -10.89 16.02
N GLY C 26 7.59 -12.13 16.23
CA GLY C 26 6.24 -12.51 16.56
C GLY C 26 5.27 -11.98 15.55
N ASN C 27 4.18 -11.39 16.01
CA ASN C 27 3.22 -10.78 15.12
C ASN C 27 3.44 -9.27 14.91
N CYS C 28 4.61 -8.79 15.29
CA CYS C 28 4.88 -7.35 15.30
C CYS C 28 5.02 -6.71 13.91
N GLN C 29 5.18 -7.53 12.86
CA GLN C 29 5.27 -7.00 11.50
C GLN C 29 4.01 -7.24 10.67
N LYS C 30 2.91 -7.59 11.35
CA LYS C 30 1.62 -7.78 10.70
C LYS C 30 0.87 -6.46 10.52
N ASP C 31 -0.38 -6.52 10.04
CA ASP C 31 -1.01 -5.33 9.47
C ASP C 31 -1.98 -4.53 10.35
N ARG C 32 -2.26 -5.03 11.54
CA ARG C 32 -3.21 -4.35 12.43
C ARG C 32 -2.56 -4.07 13.78
N GLN C 33 -1.52 -3.23 13.74
CA GLN C 33 -0.64 -2.98 14.88
C GLN C 33 -0.91 -1.63 15.58
N SER C 34 -0.40 -1.51 16.79
CA SER C 34 -0.60 -0.35 17.66
C SER C 34 0.77 0.06 18.21
N PRO C 35 0.93 1.33 18.64
CA PRO C 35 -0.01 2.46 18.68
C PRO C 35 -0.17 3.13 17.32
N ILE C 36 -1.10 4.08 17.24
CA ILE C 36 -1.32 4.82 16.00
C ILE C 36 -1.49 6.30 16.32
N ASN C 37 -1.38 7.14 15.28
CA ASN C 37 -1.81 8.51 15.35
C ASN C 37 -3.31 8.56 15.04
N ILE C 38 -4.07 9.24 15.91
CA ILE C 38 -5.49 9.45 15.69
C ILE C 38 -5.75 10.86 15.19
N VAL C 39 -6.20 10.96 13.94
CA VAL C 39 -6.69 12.22 13.39
C VAL C 39 -8.14 12.34 13.89
N THR C 40 -8.34 13.23 14.87
CA THR C 40 -9.61 13.32 15.59
C THR C 40 -10.82 13.65 14.70
N THR C 41 -10.63 14.50 13.69
CA THR C 41 -11.73 14.90 12.79
C THR C 41 -12.15 13.81 11.80
N LYS C 42 -11.26 12.85 11.55
CA LYS C 42 -11.53 11.76 10.62
C LYS C 42 -12.09 10.54 11.34
N ALA C 43 -12.10 10.58 12.66
CA ALA C 43 -12.72 9.53 13.44
C ALA C 43 -14.21 9.83 13.52
N LYS C 44 -15.03 8.92 12.99
CA LYS C 44 -16.47 9.18 12.95
C LYS C 44 -17.14 8.82 14.26
N VAL C 45 -18.05 9.71 14.68
CA VAL C 45 -18.88 9.51 15.86
C VAL C 45 -19.76 8.29 15.65
N ASP C 46 -19.71 7.35 16.58
CA ASP C 46 -20.60 6.19 16.56
C ASP C 46 -21.47 6.23 17.81
N LYS C 47 -22.78 6.36 17.60
CA LYS C 47 -23.74 6.52 18.70
C LYS C 47 -23.99 5.24 19.49
N LYS C 48 -23.47 4.11 19.03
CA LYS C 48 -23.61 2.84 19.75
C LYS C 48 -22.58 2.71 20.89
N LEU C 49 -21.60 3.61 20.90
CA LEU C 49 -20.68 3.73 22.02
C LEU C 49 -21.31 4.52 23.16
N GLY C 50 -21.43 3.89 24.33
CA GLY C 50 -21.94 4.57 25.50
C GLY C 50 -20.87 4.79 26.54
N ARG C 51 -21.29 5.16 27.74
CA ARG C 51 -20.35 5.39 28.82
C ARG C 51 -19.74 4.07 29.28
N PHE C 52 -18.56 4.17 29.89
CA PHE C 52 -18.00 3.05 30.60
C PHE C 52 -18.59 2.93 31.99
N PHE C 53 -18.71 1.69 32.45
CA PHE C 53 -19.01 1.40 33.85
C PHE C 53 -17.79 0.77 34.50
N PHE C 54 -17.37 1.33 35.63
CA PHE C 54 -16.17 0.87 36.34
C PHE C 54 -16.61 0.13 37.60
N SER C 55 -15.95 -0.99 37.87
CA SER C 55 -16.24 -1.78 39.07
C SER C 55 -14.92 -2.05 39.80
N GLY C 56 -14.89 -1.82 41.10
CA GLY C 56 -13.65 -1.97 41.89
C GLY C 56 -12.60 -0.89 41.66
N TYR C 57 -12.96 0.13 40.90
CA TYR C 57 -12.07 1.29 40.62
C TYR C 57 -12.03 2.31 41.76
N ASP C 58 -13.07 2.33 42.60
CA ASP C 58 -13.14 3.26 43.73
C ASP C 58 -12.59 2.69 45.04
N LYS C 59 -12.45 1.37 45.11
CA LYS C 59 -12.02 0.70 46.34
C LYS C 59 -10.53 0.95 46.60
N LYS C 60 -10.20 1.32 47.83
CA LYS C 60 -8.81 1.50 48.23
C LYS C 60 -8.17 0.13 48.43
N GLN C 61 -7.02 -0.08 47.80
CA GLN C 61 -6.26 -1.31 47.96
C GLN C 61 -4.81 -0.93 48.22
N THR C 62 -4.03 -1.85 48.76
CA THR C 62 -2.58 -1.67 48.81
C THR C 62 -1.97 -2.50 47.69
N TRP C 63 -1.79 -1.89 46.53
CA TRP C 63 -1.40 -2.63 45.32
C TRP C 63 0.07 -3.02 45.30
N THR C 64 0.36 -4.19 44.72
CA THR C 64 1.74 -4.58 44.43
C THR C 64 2.17 -3.90 43.14
N VAL C 65 3.36 -3.31 43.11
CA VAL C 65 3.90 -2.68 41.90
C VAL C 65 5.32 -3.21 41.64
N GLN C 66 5.61 -3.58 40.39
CA GLN C 66 6.89 -4.21 40.06
C GLN C 66 7.59 -3.55 38.89
N ASN C 67 8.92 -3.64 38.90
CA ASN C 67 9.72 -3.22 37.75
C ASN C 67 10.06 -4.49 36.97
N ASN C 68 9.53 -4.58 35.75
CA ASN C 68 9.71 -5.78 34.93
C ASN C 68 10.78 -5.65 33.84
N GLY C 69 11.56 -4.58 33.91
CA GLY C 69 12.63 -4.34 32.94
C GLY C 69 12.19 -3.64 31.67
N HIS C 70 10.89 -3.38 31.56
CA HIS C 70 10.30 -2.70 30.39
C HIS C 70 9.43 -1.53 30.85
N SER C 71 8.93 -1.64 32.06
CA SER C 71 7.96 -0.72 32.60
C SER C 71 7.87 -0.91 34.11
N VAL C 72 6.98 -0.14 34.72
CA VAL C 72 6.51 -0.42 36.05
C VAL C 72 5.03 -0.79 35.96
N MET C 73 4.65 -1.84 36.69
CA MET C 73 3.37 -2.48 36.50
C MET C 73 2.72 -2.81 37.82
N MET C 74 1.49 -2.33 38.00
CA MET C 74 0.64 -2.68 39.15
C MET C 74 -0.13 -3.96 38.83
N LEU C 75 -0.08 -4.94 39.73
CA LEU C 75 -0.79 -6.20 39.51
C LEU C 75 -2.23 -6.10 40.03
N LEU C 76 -3.20 -6.19 39.12
CA LEU C 76 -4.60 -5.89 39.47
C LEU C 76 -5.44 -7.08 39.97
N GLU C 77 -5.00 -8.29 39.62
CA GLU C 77 -5.50 -9.54 40.20
C GLU C 77 -7.04 -9.69 40.21
N ASN C 78 -7.65 -9.30 39.09
CA ASN C 78 -9.09 -9.38 38.94
C ASN C 78 -9.86 -8.60 40.03
N LYS C 79 -9.24 -7.59 40.63
CA LYS C 79 -9.93 -6.87 41.70
C LYS C 79 -10.77 -5.70 41.19
N ALA C 80 -10.75 -5.46 39.97
CA ALA C 80 -11.49 -4.43 39.25
C ALA C 80 -11.94 -4.96 37.90
N SER C 81 -12.99 -4.37 37.35
CA SER C 81 -13.48 -4.78 36.03
C SER C 81 -14.20 -3.64 35.35
N ILE C 82 -14.43 -3.80 34.04
CA ILE C 82 -15.14 -2.80 33.22
C ILE C 82 -16.23 -3.43 32.35
N SER C 83 -17.25 -2.64 32.08
CA SER C 83 -18.27 -2.99 31.09
C SER C 83 -18.76 -1.69 30.45
N GLY C 84 -19.72 -1.79 29.53
CA GLY C 84 -20.16 -0.65 28.76
C GLY C 84 -19.06 -0.22 27.81
N GLY C 85 -18.94 1.09 27.61
CA GLY C 85 -17.98 1.66 26.67
C GLY C 85 -18.01 1.03 25.29
N GLY C 86 -19.16 0.47 24.90
CA GLY C 86 -19.28 -0.25 23.64
C GLY C 86 -18.60 -1.62 23.62
N LEU C 87 -18.15 -2.10 24.76
CA LEU C 87 -17.52 -3.41 24.86
C LEU C 87 -18.58 -4.52 24.75
N PRO C 88 -18.23 -5.65 24.14
CA PRO C 88 -19.20 -6.74 23.92
C PRO C 88 -19.50 -7.58 25.15
N ALA C 89 -18.68 -7.42 26.20
CA ALA C 89 -18.81 -8.23 27.40
C ALA C 89 -18.10 -7.52 28.56
N PRO C 90 -18.26 -8.02 29.79
CA PRO C 90 -17.40 -7.43 30.82
C PRO C 90 -15.95 -7.93 30.67
N TYR C 91 -15.00 -7.09 31.09
CA TYR C 91 -13.56 -7.40 31.02
C TYR C 91 -12.92 -7.22 32.42
N GLN C 92 -12.15 -8.20 32.86
CA GLN C 92 -11.51 -8.18 34.17
C GLN C 92 -10.13 -7.55 34.09
N ALA C 93 -9.87 -6.62 35.01
CA ALA C 93 -8.57 -5.93 35.09
C ALA C 93 -7.40 -6.85 35.52
N LYS C 94 -6.34 -6.87 34.71
CA LYS C 94 -5.16 -7.74 34.99
C LYS C 94 -3.98 -6.94 35.53
N GLN C 95 -3.61 -5.87 34.82
CA GLN C 95 -2.48 -5.04 35.22
C GLN C 95 -2.60 -3.64 34.65
N LEU C 96 -1.90 -2.72 35.30
CA LEU C 96 -1.73 -1.35 34.85
C LEU C 96 -0.23 -1.08 34.70
N HIS C 97 0.18 -0.44 33.60
CA HIS C 97 1.58 -0.03 33.43
C HIS C 97 1.61 1.27 32.64
N LEU C 98 2.80 1.84 32.47
CA LEU C 98 2.96 3.14 31.82
C LEU C 98 4.09 3.14 30.81
N HIS C 99 4.00 4.09 29.89
CA HIS C 99 5.06 4.36 28.92
C HIS C 99 5.37 5.84 29.08
N TRP C 100 6.64 6.22 29.02
CA TRP C 100 7.00 7.61 29.25
C TRP C 100 8.31 8.06 28.61
N SER C 101 8.52 9.38 28.58
CA SER C 101 9.80 9.97 28.22
C SER C 101 10.20 10.93 29.36
N ASP C 102 11.01 11.94 29.06
CA ASP C 102 11.39 12.95 30.06
C ASP C 102 11.22 14.37 29.51
N LEU C 103 10.35 14.46 28.50
CA LEU C 103 10.06 15.69 27.76
C LEU C 103 8.56 15.92 27.67
N PRO C 104 8.10 17.18 27.75
CA PRO C 104 6.65 17.41 27.71
C PRO C 104 5.96 16.89 26.43
N TYR C 105 6.71 16.93 25.31
CA TYR C 105 6.20 16.65 23.96
C TYR C 105 6.34 15.23 23.44
N LYS C 106 6.80 14.30 24.27
CA LYS C 106 6.80 12.88 23.90
C LYS C 106 6.77 12.00 25.15
N GLY C 107 6.41 10.74 24.96
CA GLY C 107 6.35 9.75 26.01
C GLY C 107 5.11 8.90 25.88
N SER C 108 4.10 9.42 25.17
CA SER C 108 2.90 8.62 24.91
C SER C 108 3.16 7.70 23.71
N GLU C 109 2.42 6.60 23.65
CA GLU C 109 2.50 5.70 22.51
C GLU C 109 1.56 6.18 21.40
N HIS C 110 0.29 6.43 21.75
CA HIS C 110 -0.62 7.06 20.81
C HIS C 110 -0.38 8.56 20.72
N SER C 111 -0.75 9.17 19.60
CA SER C 111 -0.83 10.63 19.51
C SER C 111 -2.21 11.09 19.02
N LEU C 112 -2.58 12.34 19.34
CA LEU C 112 -3.83 12.91 18.84
C LEU C 112 -3.50 14.08 17.95
N ASP C 113 -3.85 13.98 16.67
CA ASP C 113 -3.53 15.02 15.68
C ASP C 113 -2.04 15.36 15.68
N GLY C 114 -1.19 14.36 15.89
CA GLY C 114 0.26 14.56 15.87
C GLY C 114 0.85 14.92 17.21
N GLU C 115 -0.02 15.21 18.17
CA GLU C 115 0.42 15.61 19.52
C GLU C 115 0.68 14.41 20.40
N HIS C 116 1.94 14.27 20.83
CA HIS C 116 2.33 13.25 21.79
C HIS C 116 2.29 13.84 23.20
N PHE C 117 1.99 12.99 24.17
CA PHE C 117 1.91 13.44 25.56
C PHE C 117 3.12 12.94 26.34
N ALA C 118 3.23 13.38 27.59
CA ALA C 118 4.39 13.09 28.43
C ALA C 118 4.47 11.62 28.86
N MET C 119 3.31 10.97 29.03
CA MET C 119 3.24 9.55 29.37
C MET C 119 1.94 8.99 28.82
N GLU C 120 1.83 7.67 28.84
CA GLU C 120 0.58 7.01 28.53
C GLU C 120 0.40 5.87 29.51
N MET C 121 -0.77 5.81 30.15
CA MET C 121 -1.09 4.75 31.09
C MET C 121 -2.00 3.73 30.39
N HIS C 122 -1.67 2.46 30.56
CA HIS C 122 -2.47 1.35 30.01
C HIS C 122 -3.03 0.43 31.11
N ILE C 123 -4.35 0.32 31.16
CA ILE C 123 -5.01 -0.62 32.06
C ILE C 123 -5.49 -1.78 31.24
N VAL C 124 -4.87 -2.93 31.48
CA VAL C 124 -5.04 -4.08 30.60
C VAL C 124 -6.10 -5.00 31.19
N HIS C 125 -7.14 -5.25 30.42
CA HIS C 125 -8.27 -6.09 30.85
C HIS C 125 -8.42 -7.30 29.93
N GLU C 126 -8.97 -8.39 30.45
CA GLU C 126 -9.24 -9.56 29.62
C GLU C 126 -10.73 -9.90 29.65
N LYS C 127 -11.27 -10.27 28.50
CA LYS C 127 -12.65 -10.71 28.37
C LYS C 127 -12.96 -11.83 29.37
N GLU C 128 -14.03 -11.64 30.13
CA GLU C 128 -14.43 -12.64 31.12
C GLU C 128 -14.98 -13.88 30.42
N LYS C 129 -14.47 -15.03 30.85
CA LYS C 129 -14.82 -16.34 30.33
C LYS C 129 -16.33 -16.56 30.44
N GLY C 130 -16.93 -17.01 29.33
CA GLY C 130 -18.36 -17.33 29.30
C GLY C 130 -19.32 -16.14 29.36
N THR C 131 -18.82 -14.92 29.18
CA THR C 131 -19.69 -13.74 29.27
C THR C 131 -19.98 -13.12 27.91
N SER C 132 -19.39 -13.67 26.85
CA SER C 132 -19.71 -13.21 25.50
C SER C 132 -21.14 -13.64 25.21
N ARG C 133 -21.90 -12.77 24.57
CA ARG C 133 -23.32 -13.02 24.47
C ARG C 133 -23.66 -14.03 23.36
N ASN C 134 -22.82 -14.11 22.35
CA ASN C 134 -23.04 -15.05 21.25
C ASN C 134 -21.76 -15.78 20.85
N VAL C 135 -21.93 -16.88 20.11
CA VAL C 135 -20.81 -17.76 19.72
C VAL C 135 -19.75 -17.02 18.88
N LYS C 136 -20.20 -16.25 17.89
CA LYS C 136 -19.31 -15.47 17.04
C LYS C 136 -18.39 -14.57 17.88
N GLU C 137 -18.96 -13.84 18.82
CA GLU C 137 -18.19 -13.01 19.75
C GLU C 137 -17.26 -13.85 20.66
N ALA C 138 -17.77 -14.96 21.18
CA ALA C 138 -16.95 -15.85 22.01
C ALA C 138 -15.65 -16.22 21.28
N GLN C 139 -15.76 -16.44 19.97
CA GLN C 139 -14.65 -16.92 19.15
C GLN C 139 -13.79 -15.81 18.50
N ASP C 140 -14.27 -14.58 18.58
CA ASP C 140 -13.57 -13.41 18.02
C ASP C 140 -12.18 -13.25 18.66
N PRO C 141 -11.09 -13.41 17.87
CA PRO C 141 -9.75 -13.29 18.47
C PRO C 141 -9.27 -11.86 18.65
N GLU C 142 -9.94 -10.93 17.98
CA GLU C 142 -9.49 -9.54 17.86
C GLU C 142 -9.72 -8.66 19.08
N ASP C 143 -10.58 -9.10 20.00
CA ASP C 143 -10.96 -8.29 21.16
C ASP C 143 -10.91 -9.05 22.49
N GLU C 144 -10.05 -10.06 22.57
CA GLU C 144 -9.80 -10.79 23.81
C GLU C 144 -9.31 -9.87 24.93
N ILE C 145 -8.57 -8.82 24.57
CA ILE C 145 -8.00 -7.87 25.51
C ILE C 145 -8.60 -6.49 25.29
N ALA C 146 -9.02 -5.83 26.37
CA ALA C 146 -9.37 -4.43 26.32
C ALA C 146 -8.33 -3.63 27.08
N VAL C 147 -7.64 -2.73 26.38
CA VAL C 147 -6.72 -1.82 27.05
C VAL C 147 -7.32 -0.43 27.10
N LEU C 148 -7.38 0.13 28.30
CA LEU C 148 -7.80 1.50 28.47
C LEU C 148 -6.54 2.35 28.51
N ALA C 149 -6.49 3.34 27.61
CA ALA C 149 -5.32 4.21 27.50
C ALA C 149 -5.64 5.63 27.97
N PHE C 150 -4.80 6.13 28.86
CA PHE C 150 -4.96 7.48 29.36
C PHE C 150 -3.67 8.20 29.07
N LEU C 151 -3.81 9.42 28.55
CA LEU C 151 -2.67 10.25 28.19
C LEU C 151 -2.35 11.15 29.38
N VAL C 152 -1.05 11.36 29.63
CA VAL C 152 -0.60 12.14 30.78
C VAL C 152 0.14 13.38 30.31
N GLU C 153 -0.25 14.54 30.85
CA GLU C 153 0.40 15.83 30.57
C GLU C 153 0.90 16.50 31.85
N ALA C 154 1.94 17.31 31.73
CA ALA C 154 2.45 18.08 32.86
C ALA C 154 1.50 19.18 33.27
N GLY C 155 1.28 19.30 34.57
CA GLY C 155 0.50 20.39 35.15
C GLY C 155 1.25 21.05 36.28
N THR C 156 0.66 22.08 36.86
CA THR C 156 1.28 22.84 37.94
C THR C 156 1.22 22.12 39.27
N GLN C 157 0.14 21.38 39.50
CA GLN C 157 -0.13 20.84 40.84
C GLN C 157 0.36 19.40 40.97
N VAL C 158 0.81 19.04 42.16
CA VAL C 158 1.14 17.66 42.48
C VAL C 158 -0.18 16.88 42.48
N ASN C 159 -0.29 15.91 41.58
CA ASN C 159 -1.43 14.97 41.58
C ASN C 159 -1.29 14.08 42.81
N GLU C 160 -2.11 14.34 43.83
CA GLU C 160 -2.03 13.58 45.09
C GLU C 160 -2.42 12.11 44.92
N GLY C 161 -3.34 11.84 43.99
CA GLY C 161 -3.73 10.47 43.66
C GLY C 161 -2.57 9.59 43.20
N PHE C 162 -1.61 10.18 42.50
CA PHE C 162 -0.43 9.46 41.98
C PHE C 162 0.71 9.29 42.98
N GLN C 163 0.68 10.02 44.10
CA GLN C 163 1.77 9.94 45.06
C GLN C 163 2.10 8.53 45.57
N PRO C 164 1.08 7.71 45.95
CA PRO C 164 1.41 6.33 46.34
C PRO C 164 2.27 5.60 45.29
N LEU C 165 1.93 5.72 44.01
CA LEU C 165 2.73 5.10 42.95
C LEU C 165 4.10 5.74 42.83
N VAL C 166 4.15 7.08 42.81
CA VAL C 166 5.40 7.79 42.61
C VAL C 166 6.40 7.51 43.74
N GLU C 167 5.90 7.47 44.97
CA GLU C 167 6.74 7.18 46.14
C GLU C 167 7.22 5.72 46.16
N ALA C 168 6.40 4.82 45.62
CA ALA C 168 6.72 3.40 45.55
C ALA C 168 7.88 3.12 44.59
N LEU C 169 8.08 3.99 43.61
CA LEU C 169 9.15 3.84 42.61
C LEU C 169 10.55 3.76 43.21
N SER C 170 10.77 4.50 44.31
CA SER C 170 12.02 4.47 45.05
C SER C 170 12.43 3.05 45.47
N ASN C 171 11.44 2.17 45.60
CA ASN C 171 11.68 0.84 46.16
C ASN C 171 11.94 -0.20 45.09
N ILE C 172 11.74 0.19 43.83
CA ILE C 172 11.89 -0.77 42.72
C ILE C 172 12.84 -0.27 41.59
N PRO C 173 14.08 0.15 41.93
CA PRO C 173 14.92 0.71 40.87
C PRO C 173 15.35 -0.28 39.78
N LYS C 174 15.45 -1.57 40.10
CA LYS C 174 15.98 -2.57 39.16
C LYS C 174 14.90 -3.55 38.72
N PRO C 175 15.07 -4.16 37.53
CA PRO C 175 14.11 -5.19 37.09
C PRO C 175 14.01 -6.36 38.06
N GLU C 176 12.85 -7.02 38.05
CA GLU C 176 12.50 -8.11 38.99
C GLU C 176 12.48 -7.65 40.45
N MET C 177 12.20 -6.37 40.67
CA MET C 177 11.91 -5.87 42.01
C MET C 177 10.43 -5.52 42.14
N SER C 178 9.87 -5.71 43.33
CA SER C 178 8.49 -5.28 43.61
C SER C 178 8.37 -4.64 44.99
N THR C 179 7.31 -3.88 45.18
CA THR C 179 6.99 -3.30 46.47
C THR C 179 5.48 -3.17 46.61
N THR C 180 5.02 -2.91 47.83
CA THR C 180 3.62 -2.63 48.08
C THR C 180 3.42 -1.12 48.12
N MET C 181 2.32 -0.67 47.54
CA MET C 181 1.97 0.73 47.56
C MET C 181 1.13 1.09 48.79
N ALA C 182 1.22 2.35 49.22
CA ALA C 182 0.30 2.89 50.19
C ALA C 182 -1.13 2.81 49.63
N GLU C 183 -2.10 2.78 50.53
CA GLU C 183 -3.51 2.68 50.17
C GLU C 183 -3.88 3.65 49.05
N SER C 184 -4.51 3.13 48.00
CA SER C 184 -4.93 3.95 46.86
C SER C 184 -5.95 3.21 46.02
N SER C 185 -6.69 3.97 45.23
CA SER C 185 -7.68 3.40 44.30
C SER C 185 -7.20 3.64 42.87
N LEU C 186 -7.80 2.92 41.92
CA LEU C 186 -7.54 3.18 40.51
C LEU C 186 -8.10 4.53 40.07
N LEU C 187 -9.26 4.90 40.63
CA LEU C 187 -9.85 6.21 40.39
C LEU C 187 -8.89 7.35 40.77
N ASP C 188 -8.11 7.12 41.82
CA ASP C 188 -7.08 8.07 42.25
C ASP C 188 -6.09 8.41 41.14
N LEU C 189 -5.96 7.50 40.17
CA LEU C 189 -4.99 7.63 39.09
C LEU C 189 -5.60 8.27 37.85
N LEU C 190 -6.93 8.25 37.75
CA LEU C 190 -7.63 8.67 36.54
C LEU C 190 -8.16 10.10 36.61
N PRO C 191 -8.51 10.69 35.45
CA PRO C 191 -9.25 11.97 35.47
C PRO C 191 -10.64 11.76 36.07
N LYS C 192 -11.37 12.85 36.37
CA LYS C 192 -12.72 12.74 36.88
C LYS C 192 -13.56 11.86 35.97
N GLU C 193 -14.34 10.96 36.55
CA GLU C 193 -15.10 9.96 35.79
C GLU C 193 -16.03 10.55 34.75
N GLU C 194 -16.63 11.70 35.08
CA GLU C 194 -17.53 12.42 34.18
C GLU C 194 -16.82 12.89 32.90
N LYS C 195 -15.53 13.15 33.02
CA LYS C 195 -14.74 13.59 31.87
C LYS C 195 -14.30 12.41 30.99
N LEU C 196 -14.76 11.21 31.32
CA LEU C 196 -14.38 10.01 30.58
C LEU C 196 -15.39 9.55 29.53
N ARG C 197 -16.34 10.44 29.22
CA ARG C 197 -17.37 10.15 28.23
C ARG C 197 -16.85 10.20 26.79
N HIS C 198 -15.82 11.02 26.56
CA HIS C 198 -15.25 11.21 25.23
C HIS C 198 -14.03 10.30 25.04
N TYR C 199 -14.16 9.29 24.18
CA TYR C 199 -13.02 8.40 23.88
C TYR C 199 -12.96 8.00 22.40
N PHE C 200 -11.79 7.57 21.97
CA PHE C 200 -11.59 7.00 20.64
C PHE C 200 -11.49 5.49 20.79
N ARG C 201 -11.74 4.77 19.72
CA ARG C 201 -11.86 3.31 19.74
C ARG C 201 -11.40 2.75 18.42
N TYR C 202 -10.53 1.75 18.47
CA TYR C 202 -10.13 1.00 17.26
C TYR C 202 -9.63 -0.39 17.63
N LEU C 203 -9.40 -1.26 16.64
CA LEU C 203 -8.91 -2.60 16.91
C LEU C 203 -7.44 -2.64 16.55
N GLY C 204 -6.61 -3.17 17.44
CA GLY C 204 -5.20 -3.27 17.13
C GLY C 204 -4.52 -4.40 17.86
N SER C 205 -3.32 -4.10 18.34
CA SER C 205 -2.42 -5.07 18.90
C SER C 205 -1.88 -4.64 20.27
N LEU C 206 -1.23 -5.59 20.94
CA LEU C 206 -0.36 -5.26 22.07
C LEU C 206 0.89 -4.57 21.51
N THR C 207 1.49 -3.69 22.30
CA THR C 207 2.56 -2.85 21.79
C THR C 207 3.95 -3.32 22.23
N THR C 208 4.03 -4.53 22.77
CA THR C 208 5.30 -5.22 23.00
C THR C 208 5.22 -6.64 22.40
N PRO C 209 6.37 -7.24 22.01
CA PRO C 209 6.34 -8.62 21.49
C PRO C 209 5.58 -9.61 22.42
N THR C 210 4.78 -10.51 21.87
CA THR C 210 4.72 -10.82 20.45
C THR C 210 3.72 -9.96 19.63
N CYS C 211 3.27 -8.85 20.21
CA CYS C 211 2.34 -7.90 19.55
C CYS C 211 1.05 -8.53 19.00
N ASP C 212 0.47 -9.50 19.70
CA ASP C 212 -0.75 -10.16 19.22
C ASP C 212 -1.85 -9.17 18.88
N GLU C 213 -2.50 -9.43 17.75
CA GLU C 213 -3.59 -8.56 17.30
C GLU C 213 -4.90 -9.01 17.93
N LYS C 214 -5.03 -8.74 19.22
CA LYS C 214 -6.20 -9.16 19.99
C LYS C 214 -6.70 -8.09 20.96
N VAL C 215 -6.32 -6.83 20.71
CA VAL C 215 -6.72 -5.73 21.57
C VAL C 215 -7.83 -4.84 20.98
N VAL C 216 -8.89 -4.64 21.75
CA VAL C 216 -9.83 -3.56 21.49
C VAL C 216 -9.28 -2.36 22.28
N TRP C 217 -8.90 -1.31 21.54
CA TRP C 217 -8.27 -0.13 22.15
C TRP C 217 -9.28 0.94 22.49
N THR C 218 -9.05 1.59 23.63
CA THR C 218 -9.80 2.79 23.93
C THR C 218 -8.77 3.83 24.29
N VAL C 219 -8.87 5.02 23.69
CA VAL C 219 -8.00 6.12 24.08
C VAL C 219 -8.87 7.28 24.50
N PHE C 220 -8.73 7.69 25.76
CA PHE C 220 -9.56 8.76 26.30
C PHE C 220 -9.06 10.14 25.89
N ARG C 221 -9.98 11.02 25.51
CA ARG C 221 -9.63 12.38 25.09
CA ARG C 221 -9.64 12.38 25.09
C ARG C 221 -9.06 13.17 26.28
N GLU C 222 -9.57 12.91 27.47
CA GLU C 222 -9.19 13.67 28.66
C GLU C 222 -7.86 13.20 29.25
N PRO C 223 -6.87 14.10 29.34
CA PRO C 223 -5.61 13.66 29.91
C PRO C 223 -5.56 13.71 31.43
N ILE C 224 -4.74 12.83 32.01
CA ILE C 224 -4.32 12.95 33.40
C ILE C 224 -3.32 14.10 33.49
N GLN C 225 -3.37 14.87 34.59
CA GLN C 225 -2.39 15.91 34.85
C GLN C 225 -1.48 15.53 36.01
N LEU C 226 -0.18 15.54 35.77
CA LEU C 226 0.83 15.28 36.81
C LEU C 226 1.79 16.45 36.88
N HIS C 227 2.30 16.78 38.05
CA HIS C 227 3.40 17.71 38.18
C HIS C 227 4.56 17.17 37.34
N ARG C 228 5.30 18.04 36.66
CA ARG C 228 6.44 17.58 35.83
C ARG C 228 7.45 16.78 36.66
N GLU C 229 7.56 17.07 37.95
CA GLU C 229 8.50 16.33 38.78
C GLU C 229 8.00 14.92 39.11
N GLN C 230 6.69 14.72 39.13
CA GLN C 230 6.10 13.38 39.25
C GLN C 230 6.41 12.53 38.02
N ILE C 231 6.30 13.13 36.85
CA ILE C 231 6.64 12.44 35.61
C ILE C 231 8.14 12.09 35.56
N LEU C 232 8.98 13.05 35.93
CA LEU C 232 10.43 12.85 35.93
C LEU C 232 10.91 11.79 36.93
N ALA C 233 10.20 11.64 38.05
CA ALA C 233 10.51 10.59 39.04
C ALA C 233 10.63 9.22 38.39
N PHE C 234 9.84 8.95 37.35
CA PHE C 234 9.92 7.67 36.62
C PHE C 234 11.31 7.45 35.99
N SER C 235 11.83 8.42 35.25
CA SER C 235 13.17 8.26 34.65
C SER C 235 14.33 8.46 35.63
N GLN C 236 14.08 9.18 36.73
CA GLN C 236 15.14 9.46 37.72
C GLN C 236 15.36 8.27 38.67
N LYS C 237 14.30 7.53 38.95
CA LYS C 237 14.37 6.45 39.92
C LYS C 237 14.55 5.04 39.32
N LEU C 238 14.14 4.86 38.07
CA LEU C 238 14.01 3.52 37.48
C LEU C 238 15.08 3.22 36.44
N TYR C 239 15.43 1.94 36.32
CA TYR C 239 16.40 1.49 35.33
C TYR C 239 15.90 0.27 34.60
N TYR C 240 16.34 0.13 33.36
CA TYR C 240 16.05 -1.04 32.55
C TYR C 240 16.85 -2.28 33.02
N ASP C 241 18.02 -2.07 33.62
CA ASP C 241 18.94 -3.17 33.91
C ASP C 241 19.37 -3.26 35.37
N LYS C 242 19.76 -4.42 35.73
CA LYS C 242 20.25 -4.71 37.07
C LYS C 242 21.49 -3.89 37.42
N GLU C 243 22.31 -3.70 36.49
CA GLU C 243 23.52 -2.91 36.66
C GLU C 243 23.27 -1.40 36.69
N GLN C 244 22.03 -1.01 36.51
CA GLN C 244 21.64 0.39 36.51
C GLN C 244 22.48 1.33 35.65
N THR C 245 22.58 1.06 34.37
CA THR C 245 23.36 1.90 33.48
C THR C 245 22.48 2.62 32.46
N VAL C 246 21.23 2.17 32.34
CA VAL C 246 20.29 2.80 31.42
C VAL C 246 19.03 3.18 32.17
N SER C 247 18.86 4.48 32.46
CA SER C 247 17.67 4.98 33.12
C SER C 247 16.45 4.60 32.28
N MET C 248 15.36 4.21 32.93
CA MET C 248 14.15 3.80 32.24
C MET C 248 13.35 4.99 31.71
N LYS C 249 13.34 5.14 30.39
CA LYS C 249 12.59 6.17 29.72
C LYS C 249 12.51 5.77 28.26
N ASP C 250 11.62 6.44 27.52
CA ASP C 250 11.37 6.12 26.11
C ASP C 250 11.10 4.62 25.91
N ASN C 251 10.37 4.05 26.87
CA ASN C 251 9.81 2.71 26.72
C ASN C 251 8.54 2.76 25.84
N VAL C 252 8.74 3.22 24.62
CA VAL C 252 7.67 3.58 23.70
C VAL C 252 7.87 2.88 22.35
N ARG C 253 6.83 2.20 21.85
CA ARG C 253 6.92 1.63 20.50
C ARG C 253 6.64 2.72 19.48
N PRO C 254 7.44 2.77 18.39
CA PRO C 254 7.14 3.76 17.33
C PRO C 254 5.75 3.58 16.72
N LEU C 255 5.26 4.65 16.10
CA LEU C 255 3.93 4.68 15.51
C LEU C 255 3.78 3.70 14.35
N GLN C 256 2.60 3.09 14.29
CA GLN C 256 2.23 2.12 13.26
C GLN C 256 1.15 2.71 12.35
N GLN C 257 1.14 2.26 11.10
CA GLN C 257 0.13 2.68 10.12
C GLN C 257 -1.26 2.14 10.43
N LEU C 258 -2.26 2.98 10.26
CA LEU C 258 -3.65 2.59 10.48
C LEU C 258 -4.09 1.53 9.48
N GLY C 259 -3.61 1.64 8.25
CA GLY C 259 -3.95 0.67 7.20
C GLY C 259 -5.43 0.70 6.89
N GLN C 260 -6.01 -0.49 6.74
CA GLN C 260 -7.41 -0.65 6.33
C GLN C 260 -8.41 -0.15 7.38
N ARG C 261 -7.97 -0.08 8.63
CA ARG C 261 -8.85 0.16 9.77
C ARG C 261 -9.57 1.50 9.84
N THR C 262 -10.64 1.53 10.62
CA THR C 262 -11.35 2.74 10.99
C THR C 262 -11.23 2.99 12.50
N VAL C 263 -11.09 4.25 12.86
CA VAL C 263 -11.15 4.68 14.25
C VAL C 263 -12.50 5.35 14.43
N ILE C 264 -13.22 4.97 15.50
CA ILE C 264 -14.47 5.63 15.86
C ILE C 264 -14.35 6.40 17.18
N LYS C 265 -15.30 7.29 17.45
CA LYS C 265 -15.34 8.00 18.72
C LYS C 265 -16.73 8.10 19.30
N SER C 266 -16.81 8.23 20.62
CA SER C 266 -18.09 8.38 21.32
C SER C 266 -18.68 9.76 21.06
N HIS D 4 -17.12 10.44 -27.50
CA HIS D 4 -15.65 10.62 -27.38
C HIS D 4 -14.99 9.41 -26.70
N TRP D 5 -15.65 8.78 -25.74
CA TRP D 5 -15.03 7.62 -25.08
C TRP D 5 -15.05 6.37 -25.98
N CYS D 6 -13.97 5.60 -25.89
CA CYS D 6 -13.83 4.41 -26.72
C CYS D 6 -13.02 3.33 -25.98
N TYR D 7 -13.03 2.13 -26.52
CA TYR D 7 -12.09 1.10 -26.09
C TYR D 7 -10.78 1.21 -26.88
N GLU D 8 -9.72 0.66 -26.30
CA GLU D 8 -8.38 0.69 -26.89
C GLU D 8 -8.38 0.29 -28.37
N VAL D 9 -9.08 -0.81 -28.67
CA VAL D 9 -9.12 -1.38 -30.03
C VAL D 9 -9.66 -0.39 -31.08
N GLN D 10 -10.64 0.41 -30.71
CA GLN D 10 -11.20 1.43 -31.59
C GLN D 10 -10.19 2.52 -31.97
N ALA D 11 -9.37 2.92 -30.99
CA ALA D 11 -8.36 3.97 -31.17
C ALA D 11 -7.23 3.49 -32.08
N GLU D 12 -6.89 2.21 -31.93
CA GLU D 12 -5.84 1.57 -32.72
C GLU D 12 -6.28 1.32 -34.16
N SER D 13 -7.59 1.21 -34.37
CA SER D 13 -8.13 0.88 -35.69
C SER D 13 -8.71 2.10 -36.43
N SER D 14 -8.52 3.30 -35.88
CA SER D 14 -9.09 4.50 -36.48
C SER D 14 -8.19 5.74 -36.41
N ASN D 15 -8.36 6.64 -37.37
CA ASN D 15 -7.68 7.93 -37.39
C ASN D 15 -8.41 8.99 -36.55
N TYR D 16 -9.65 8.69 -36.18
CA TYR D 16 -10.48 9.61 -35.40
C TYR D 16 -10.17 9.56 -33.90
N PRO D 17 -9.91 10.74 -33.29
CA PRO D 17 -9.56 10.85 -31.88
C PRO D 17 -10.68 10.39 -30.94
N CYS D 18 -10.33 9.59 -29.94
CA CYS D 18 -11.29 9.12 -28.93
C CYS D 18 -10.57 8.91 -27.60
N LEU D 19 -11.32 8.90 -26.50
CA LEU D 19 -10.75 8.71 -25.16
C LEU D 19 -10.68 7.23 -24.80
N VAL D 20 -9.45 6.72 -24.72
CA VAL D 20 -9.20 5.34 -24.31
C VAL D 20 -9.41 5.17 -22.79
N PRO D 21 -9.55 3.91 -22.32
CA PRO D 21 -9.90 3.69 -20.91
C PRO D 21 -9.01 4.38 -19.87
N VAL D 22 -7.69 4.42 -20.06
CA VAL D 22 -6.80 5.09 -19.09
C VAL D 22 -7.02 6.61 -19.06
N LYS D 23 -7.69 7.11 -20.10
CA LYS D 23 -8.01 8.52 -20.23
C LYS D 23 -9.48 8.86 -19.97
N TRP D 24 -10.33 7.87 -19.69
CA TRP D 24 -11.73 8.16 -19.40
C TRP D 24 -11.90 9.16 -18.23
N GLY D 25 -12.87 10.04 -18.36
CA GLY D 25 -13.24 11.03 -17.37
C GLY D 25 -14.31 10.53 -16.37
N GLY D 26 -15.22 11.39 -15.96
CA GLY D 26 -16.27 11.06 -15.02
C GLY D 26 -15.70 10.61 -13.70
N ASN D 27 -16.13 9.47 -13.21
CA ASN D 27 -15.61 8.91 -11.99
C ASN D 27 -14.63 7.77 -12.25
N CYS D 28 -14.27 7.61 -13.49
CA CYS D 28 -13.44 6.49 -13.97
C CYS D 28 -12.02 6.46 -13.42
N GLN D 29 -11.54 7.58 -12.87
CA GLN D 29 -10.19 7.62 -12.29
C GLN D 29 -10.21 7.52 -10.76
N LYS D 30 -11.37 7.23 -10.19
CA LYS D 30 -11.54 7.14 -8.72
C LYS D 30 -11.14 5.77 -8.15
N ASP D 31 -11.44 5.54 -6.88
CA ASP D 31 -10.81 4.43 -6.12
C ASP D 31 -11.57 3.10 -5.98
N ARG D 32 -12.84 3.06 -6.35
CA ARG D 32 -13.65 1.85 -6.14
C ARG D 32 -14.24 1.42 -7.48
N GLN D 33 -13.34 1.09 -8.41
CA GLN D 33 -13.68 0.85 -9.80
C GLN D 33 -13.83 -0.64 -10.10
N SER D 34 -14.54 -0.95 -11.18
CA SER D 34 -14.72 -2.30 -11.67
C SER D 34 -14.31 -2.34 -13.16
N PRO D 35 -13.88 -3.51 -13.68
CA PRO D 35 -13.84 -4.87 -13.09
C PRO D 35 -12.59 -5.11 -12.26
N ILE D 36 -12.57 -6.21 -11.52
CA ILE D 36 -11.40 -6.60 -10.74
C ILE D 36 -11.03 -8.06 -10.97
N ASN D 37 -9.82 -8.42 -10.58
CA ASN D 37 -9.49 -9.82 -10.37
C ASN D 37 -10.08 -10.30 -9.05
N ILE D 38 -10.64 -11.48 -9.05
CA ILE D 38 -11.14 -12.08 -7.80
C ILE D 38 -10.27 -13.28 -7.41
N VAL D 39 -9.59 -13.18 -6.27
CA VAL D 39 -8.84 -14.32 -5.74
C VAL D 39 -9.84 -15.14 -4.93
N THR D 40 -10.29 -16.24 -5.51
CA THR D 40 -11.46 -16.96 -4.96
C THR D 40 -11.21 -17.56 -3.56
N THR D 41 -9.99 -18.03 -3.29
CA THR D 41 -9.67 -18.60 -1.97
C THR D 41 -9.42 -17.57 -0.86
N LYS D 42 -9.38 -16.30 -1.22
CA LYS D 42 -9.22 -15.20 -0.26
C LYS D 42 -10.54 -14.47 0.05
N ALA D 43 -11.56 -14.68 -0.79
CA ALA D 43 -12.88 -14.15 -0.52
C ALA D 43 -13.50 -14.94 0.64
N LYS D 44 -13.94 -14.24 1.69
CA LYS D 44 -14.48 -14.94 2.86
C LYS D 44 -15.95 -15.28 2.69
N VAL D 45 -16.30 -16.48 3.12
CA VAL D 45 -17.68 -16.94 3.09
C VAL D 45 -18.53 -16.05 4.01
N ASP D 46 -19.60 -15.48 3.46
CA ASP D 46 -20.58 -14.74 4.24
C ASP D 46 -21.90 -15.53 4.21
N LYS D 47 -22.35 -15.96 5.38
CA LYS D 47 -23.52 -16.82 5.50
C LYS D 47 -24.83 -16.12 5.13
N LYS D 48 -24.83 -14.79 5.12
CA LYS D 48 -26.02 -14.01 4.75
C LYS D 48 -26.24 -13.99 3.23
N LEU D 49 -25.26 -14.47 2.47
CA LEU D 49 -25.38 -14.54 1.03
C LEU D 49 -26.13 -15.80 0.63
N GLY D 50 -27.46 -15.71 0.62
CA GLY D 50 -28.32 -16.84 0.29
C GLY D 50 -28.57 -16.93 -1.21
N ARG D 51 -29.45 -17.85 -1.60
CA ARG D 51 -29.76 -18.08 -3.01
CA ARG D 51 -29.72 -18.06 -3.02
C ARG D 51 -30.52 -16.91 -3.64
N PHE D 52 -30.37 -16.77 -4.96
CA PHE D 52 -31.16 -15.79 -5.71
C PHE D 52 -32.51 -16.37 -6.03
N PHE D 53 -33.52 -15.50 -6.07
CA PHE D 53 -34.84 -15.87 -6.54
C PHE D 53 -35.10 -15.04 -7.80
N PHE D 54 -35.57 -15.70 -8.83
CA PHE D 54 -35.77 -15.07 -10.13
C PHE D 54 -37.26 -14.98 -10.49
N SER D 55 -37.63 -13.84 -11.06
CA SER D 55 -38.99 -13.63 -11.49
C SER D 55 -38.97 -13.08 -12.92
N GLY D 56 -39.70 -13.70 -13.83
CA GLY D 56 -39.70 -13.32 -15.25
C GLY D 56 -38.53 -13.89 -16.06
N TYR D 57 -37.69 -14.71 -15.43
CA TYR D 57 -36.51 -15.29 -16.10
C TYR D 57 -36.85 -16.55 -16.88
N ASP D 58 -37.94 -17.19 -16.50
CA ASP D 58 -38.29 -18.47 -17.10
C ASP D 58 -39.26 -18.37 -18.27
N LYS D 59 -40.04 -17.28 -18.32
CA LYS D 59 -41.07 -17.16 -19.35
C LYS D 59 -40.49 -16.69 -20.68
N LYS D 60 -41.04 -17.21 -21.77
CA LYS D 60 -40.56 -16.89 -23.11
C LYS D 60 -41.04 -15.51 -23.54
N GLN D 61 -40.15 -14.78 -24.20
CA GLN D 61 -40.44 -13.43 -24.73
C GLN D 61 -39.78 -13.28 -26.10
N THR D 62 -40.26 -12.35 -26.90
CA THR D 62 -39.55 -11.96 -28.11
C THR D 62 -38.85 -10.64 -27.81
N TRP D 63 -37.67 -10.77 -27.21
CA TRP D 63 -36.90 -9.65 -26.72
C TRP D 63 -36.36 -8.80 -27.87
N THR D 64 -36.31 -7.49 -27.65
CA THR D 64 -35.59 -6.60 -28.54
C THR D 64 -34.11 -6.58 -28.20
N VAL D 65 -33.29 -6.76 -29.23
CA VAL D 65 -31.85 -6.65 -29.07
C VAL D 65 -31.31 -5.54 -29.99
N GLN D 66 -30.38 -4.74 -29.48
CA GLN D 66 -29.83 -3.61 -30.23
C GLN D 66 -28.30 -3.55 -30.18
N ASN D 67 -27.72 -3.02 -31.25
CA ASN D 67 -26.30 -2.65 -31.30
C ASN D 67 -26.22 -1.17 -30.89
N ASN D 68 -25.61 -0.87 -29.75
CA ASN D 68 -25.53 0.50 -29.28
C ASN D 68 -24.19 1.16 -29.55
N GLY D 69 -23.41 0.57 -30.47
CA GLY D 69 -22.07 1.05 -30.80
C GLY D 69 -20.97 0.62 -29.84
N HIS D 70 -21.33 0.00 -28.73
CA HIS D 70 -20.35 -0.42 -27.70
C HIS D 70 -20.47 -1.90 -27.38
N SER D 71 -21.67 -2.44 -27.60
CA SER D 71 -22.04 -3.78 -27.17
C SER D 71 -23.31 -4.16 -27.91
N VAL D 72 -23.80 -5.37 -27.69
CA VAL D 72 -25.20 -5.68 -28.02
C VAL D 72 -25.97 -5.83 -26.73
N MET D 73 -27.22 -5.39 -26.77
CA MET D 73 -27.99 -5.21 -25.55
C MET D 73 -29.45 -5.60 -25.74
N MET D 74 -29.93 -6.53 -24.90
CA MET D 74 -31.35 -6.89 -24.88
C MET D 74 -32.09 -5.93 -23.96
N LEU D 75 -33.23 -5.43 -24.43
CA LEU D 75 -34.03 -4.50 -23.62
C LEU D 75 -35.02 -5.27 -22.75
N LEU D 76 -34.84 -5.20 -21.43
CA LEU D 76 -35.60 -6.06 -20.51
C LEU D 76 -36.86 -5.40 -19.98
N GLU D 77 -36.84 -4.06 -19.93
CA GLU D 77 -38.02 -3.24 -19.69
C GLU D 77 -38.81 -3.61 -18.42
N ASN D 78 -38.14 -3.88 -17.36
CA ASN D 78 -38.75 -4.25 -16.08
C ASN D 78 -39.57 -5.54 -16.15
N LYS D 79 -39.33 -6.40 -17.14
CA LYS D 79 -40.16 -7.60 -17.27
C LYS D 79 -39.58 -8.79 -16.50
N ALA D 80 -38.57 -8.57 -15.82
CA ALA D 80 -37.94 -9.53 -14.89
C ALA D 80 -37.37 -8.80 -13.67
N SER D 81 -37.16 -9.57 -12.59
CA SER D 81 -36.60 -9.04 -11.35
C SER D 81 -35.95 -10.15 -10.52
N ILE D 82 -35.13 -9.75 -9.56
CA ILE D 82 -34.43 -10.68 -8.68
C ILE D 82 -34.64 -10.26 -7.23
N SER D 83 -34.69 -11.25 -6.33
CA SER D 83 -34.59 -11.00 -4.89
C SER D 83 -33.66 -12.05 -4.27
N GLY D 84 -33.50 -12.01 -2.94
CA GLY D 84 -32.51 -12.86 -2.28
C GLY D 84 -31.12 -12.39 -2.67
N GLY D 85 -30.17 -13.33 -2.70
CA GLY D 85 -28.77 -13.02 -3.06
C GLY D 85 -28.07 -12.03 -2.14
N GLY D 86 -28.51 -11.98 -0.88
CA GLY D 86 -27.95 -11.04 0.09
C GLY D 86 -28.28 -9.59 -0.21
N LEU D 87 -29.18 -9.37 -1.15
CA LEU D 87 -29.54 -8.02 -1.57
C LEU D 87 -30.65 -7.45 -0.69
N PRO D 88 -30.57 -6.14 -0.39
CA PRO D 88 -31.44 -5.47 0.59
C PRO D 88 -32.83 -5.13 0.08
N ALA D 89 -33.03 -5.27 -1.22
CA ALA D 89 -34.29 -4.99 -1.88
C ALA D 89 -34.38 -5.91 -3.08
N PRO D 90 -35.59 -6.12 -3.61
CA PRO D 90 -35.68 -6.72 -4.93
C PRO D 90 -35.18 -5.71 -5.98
N TYR D 91 -34.63 -6.22 -7.08
CA TYR D 91 -34.09 -5.39 -8.15
C TYR D 91 -34.78 -5.72 -9.48
N GLN D 92 -35.13 -4.68 -10.24
CA GLN D 92 -35.79 -4.85 -11.55
C GLN D 92 -34.81 -4.82 -12.70
N ALA D 93 -34.91 -5.83 -13.56
CA ALA D 93 -34.00 -5.97 -14.70
C ALA D 93 -34.26 -4.86 -15.71
N LYS D 94 -33.19 -4.19 -16.15
CA LYS D 94 -33.28 -3.15 -17.18
C LYS D 94 -32.77 -3.60 -18.55
N GLN D 95 -31.61 -4.25 -18.57
CA GLN D 95 -30.95 -4.59 -19.82
C GLN D 95 -29.87 -5.64 -19.61
N LEU D 96 -29.58 -6.38 -20.67
CA LEU D 96 -28.56 -7.40 -20.66
C LEU D 96 -27.62 -7.13 -21.84
N HIS D 97 -26.32 -7.10 -21.59
CA HIS D 97 -25.35 -6.89 -22.67
C HIS D 97 -24.13 -7.77 -22.42
N LEU D 98 -23.20 -7.77 -23.37
CA LEU D 98 -22.02 -8.62 -23.22
C LEU D 98 -20.74 -7.88 -23.54
N HIS D 99 -19.62 -8.48 -23.12
CA HIS D 99 -18.28 -8.01 -23.44
C HIS D 99 -17.55 -9.21 -23.97
N TRP D 100 -16.74 -9.06 -25.01
CA TRP D 100 -16.09 -10.24 -25.62
C TRP D 100 -14.81 -9.92 -26.39
N SER D 101 -14.07 -10.97 -26.74
CA SER D 101 -12.92 -10.84 -27.64
C SER D 101 -13.13 -11.86 -28.74
N ASP D 102 -12.06 -12.30 -29.41
CA ASP D 102 -12.19 -13.34 -30.43
C ASP D 102 -11.18 -14.47 -30.14
N LEU D 103 -10.62 -14.44 -28.93
CA LEU D 103 -9.73 -15.47 -28.41
C LEU D 103 -10.29 -16.03 -27.09
N PRO D 104 -10.20 -17.37 -26.86
CA PRO D 104 -10.83 -18.04 -25.72
C PRO D 104 -10.31 -17.57 -24.37
N TYR D 105 -9.07 -17.12 -24.32
CA TYR D 105 -8.44 -16.74 -23.06
C TYR D 105 -8.67 -15.31 -22.66
N LYS D 106 -9.39 -14.54 -23.47
CA LYS D 106 -9.73 -13.18 -23.10
C LYS D 106 -11.13 -12.80 -23.59
N GLY D 107 -11.67 -11.71 -23.06
CA GLY D 107 -13.00 -11.27 -23.43
C GLY D 107 -13.90 -10.93 -22.25
N SER D 108 -13.63 -11.53 -21.09
CA SER D 108 -14.35 -11.16 -19.86
C SER D 108 -13.76 -9.90 -19.25
N GLU D 109 -14.55 -9.22 -18.44
CA GLU D 109 -14.05 -8.04 -17.76
C GLU D 109 -13.41 -8.42 -16.41
N HIS D 110 -14.14 -9.17 -15.61
CA HIS D 110 -13.59 -9.74 -14.39
C HIS D 110 -12.75 -10.95 -14.77
N SER D 111 -11.83 -11.28 -13.87
CA SER D 111 -11.11 -12.53 -13.94
C SER D 111 -11.25 -13.26 -12.61
N LEU D 112 -11.24 -14.60 -12.67
CA LEU D 112 -11.29 -15.43 -11.49
C LEU D 112 -9.96 -16.14 -11.37
N ASP D 113 -9.25 -15.83 -10.29
CA ASP D 113 -7.91 -16.35 -10.06
C ASP D 113 -6.98 -16.12 -11.25
N GLY D 114 -7.11 -14.94 -11.85
CA GLY D 114 -6.23 -14.55 -12.96
C GLY D 114 -6.67 -15.15 -14.29
N GLU D 115 -7.72 -15.97 -14.27
CA GLU D 115 -8.26 -16.55 -15.49
C GLU D 115 -9.31 -15.62 -16.07
N HIS D 116 -9.12 -15.23 -17.33
CA HIS D 116 -10.09 -14.47 -18.09
C HIS D 116 -10.89 -15.45 -18.95
N PHE D 117 -12.14 -15.12 -19.23
CA PHE D 117 -12.99 -16.00 -20.03
C PHE D 117 -13.25 -15.39 -21.39
N ALA D 118 -14.01 -16.08 -22.26
CA ALA D 118 -14.17 -15.68 -23.66
C ALA D 118 -15.17 -14.54 -23.82
N MET D 119 -16.14 -14.48 -22.91
CA MET D 119 -17.04 -13.34 -22.81
C MET D 119 -17.47 -13.15 -21.38
N GLU D 120 -18.10 -12.00 -21.13
CA GLU D 120 -18.81 -11.76 -19.88
C GLU D 120 -20.15 -11.12 -20.21
N MET D 121 -21.20 -11.68 -19.59
CA MET D 121 -22.55 -11.17 -19.74
C MET D 121 -22.95 -10.45 -18.47
N HIS D 122 -23.53 -9.27 -18.64
CA HIS D 122 -24.01 -8.44 -17.55
C HIS D 122 -25.50 -8.23 -17.64
N ILE D 123 -26.23 -8.60 -16.59
CA ILE D 123 -27.66 -8.33 -16.51
C ILE D 123 -27.82 -7.21 -15.50
N VAL D 124 -28.22 -6.05 -16.01
CA VAL D 124 -28.24 -4.82 -15.22
C VAL D 124 -29.63 -4.62 -14.59
N HIS D 125 -29.67 -4.53 -13.26
CA HIS D 125 -30.90 -4.31 -12.50
C HIS D 125 -30.79 -3.02 -11.68
N GLU D 126 -31.95 -2.45 -11.33
CA GLU D 126 -32.05 -1.25 -10.49
C GLU D 126 -32.82 -1.57 -9.22
N LYS D 127 -32.36 -1.05 -8.09
CA LYS D 127 -33.03 -1.21 -6.80
C LYS D 127 -34.46 -0.66 -6.85
N GLU D 128 -35.43 -1.49 -6.43
CA GLU D 128 -36.84 -1.12 -6.51
C GLU D 128 -37.21 -0.14 -5.41
N LYS D 129 -37.68 1.03 -5.82
CA LYS D 129 -38.07 2.09 -4.88
C LYS D 129 -39.12 1.57 -3.89
N GLY D 130 -38.95 1.95 -2.62
CA GLY D 130 -39.91 1.62 -1.57
C GLY D 130 -40.02 0.14 -1.24
N THR D 131 -38.97 -0.64 -1.53
CA THR D 131 -38.99 -2.09 -1.26
C THR D 131 -37.79 -2.60 -0.45
N SER D 132 -36.92 -1.70 0.00
CA SER D 132 -35.77 -2.09 0.84
C SER D 132 -36.22 -2.53 2.23
N ARG D 133 -35.42 -3.33 2.92
CA ARG D 133 -35.79 -3.76 4.27
C ARG D 133 -35.83 -2.60 5.26
N ASN D 134 -34.90 -1.65 5.13
CA ASN D 134 -34.98 -0.41 5.90
C ASN D 134 -34.69 0.84 5.05
N VAL D 135 -34.94 2.02 5.64
CA VAL D 135 -34.76 3.30 4.94
C VAL D 135 -33.29 3.55 4.56
N LYS D 136 -32.38 3.20 5.46
CA LYS D 136 -30.93 3.28 5.22
C LYS D 136 -30.53 2.55 3.94
N GLU D 137 -31.00 1.32 3.78
CA GLU D 137 -30.70 0.53 2.61
C GLU D 137 -31.35 1.14 1.37
N ALA D 138 -32.57 1.68 1.54
CA ALA D 138 -33.29 2.37 0.46
C ALA D 138 -32.49 3.56 -0.11
N GLN D 139 -31.83 4.29 0.78
CA GLN D 139 -31.10 5.53 0.43
C GLN D 139 -29.64 5.35 0.00
N ASP D 140 -29.06 4.19 0.32
CA ASP D 140 -27.65 3.91 0.00
C ASP D 140 -27.37 4.05 -1.52
N PRO D 141 -26.50 5.01 -1.91
CA PRO D 141 -26.21 5.20 -3.33
C PRO D 141 -25.28 4.13 -3.92
N GLU D 142 -24.60 3.39 -3.04
CA GLU D 142 -23.54 2.46 -3.47
C GLU D 142 -24.05 1.19 -4.15
N ASP D 143 -25.34 0.89 -3.94
CA ASP D 143 -25.94 -0.30 -4.55
C ASP D 143 -27.26 -0.02 -5.28
N GLU D 144 -27.37 1.17 -5.86
CA GLU D 144 -28.56 1.52 -6.64
C GLU D 144 -28.76 0.54 -7.81
N ILE D 145 -27.65 0.04 -8.33
CA ILE D 145 -27.66 -0.90 -9.45
C ILE D 145 -27.10 -2.24 -8.97
N ALA D 146 -27.76 -3.34 -9.35
CA ALA D 146 -27.17 -4.66 -9.18
C ALA D 146 -26.90 -5.21 -10.56
N VAL D 147 -25.64 -5.59 -10.80
CA VAL D 147 -25.27 -6.30 -12.03
C VAL D 147 -24.97 -7.75 -11.70
N LEU D 148 -25.56 -8.65 -12.48
CA LEU D 148 -25.24 -10.07 -12.37
C LEU D 148 -24.32 -10.39 -13.52
N ALA D 149 -23.13 -10.89 -13.19
CA ALA D 149 -22.09 -11.13 -14.19
C ALA D 149 -21.90 -12.61 -14.34
N PHE D 150 -21.99 -13.05 -15.58
CA PHE D 150 -21.76 -14.44 -15.93
C PHE D 150 -20.56 -14.51 -16.86
N LEU D 151 -19.65 -15.40 -16.53
CA LEU D 151 -18.49 -15.66 -17.37
C LEU D 151 -18.83 -16.67 -18.44
N VAL D 152 -18.31 -16.47 -19.65
CA VAL D 152 -18.60 -17.39 -20.73
C VAL D 152 -17.34 -18.12 -21.13
N GLU D 153 -17.39 -19.45 -21.10
CA GLU D 153 -16.23 -20.18 -21.55
C GLU D 153 -16.41 -20.87 -22.90
N ALA D 154 -15.38 -20.73 -23.73
CA ALA D 154 -15.39 -21.25 -25.10
C ALA D 154 -15.24 -22.77 -25.09
N GLY D 155 -16.13 -23.42 -25.82
CA GLY D 155 -16.04 -24.86 -26.05
C GLY D 155 -16.27 -25.22 -27.51
N THR D 156 -16.80 -26.41 -27.73
CA THR D 156 -16.96 -26.95 -29.09
C THR D 156 -18.36 -27.54 -29.30
N GLN D 157 -19.24 -27.26 -28.34
CA GLN D 157 -20.65 -27.63 -28.39
C GLN D 157 -21.51 -26.38 -28.57
N VAL D 158 -22.54 -26.50 -29.40
CA VAL D 158 -23.49 -25.40 -29.58
C VAL D 158 -24.45 -25.40 -28.39
N ASN D 159 -24.53 -24.24 -27.72
CA ASN D 159 -25.49 -24.01 -26.64
C ASN D 159 -26.79 -23.54 -27.27
N GLU D 160 -27.78 -24.44 -27.36
CA GLU D 160 -29.02 -24.11 -28.05
C GLU D 160 -29.75 -22.90 -27.45
N GLY D 161 -29.67 -22.76 -26.12
CA GLY D 161 -30.32 -21.63 -25.45
C GLY D 161 -29.88 -20.27 -25.98
N PHE D 162 -28.67 -20.21 -26.55
CA PHE D 162 -28.11 -18.95 -27.06
C PHE D 162 -28.45 -18.64 -28.50
N GLN D 163 -29.06 -19.62 -29.19
CA GLN D 163 -29.22 -19.49 -30.63
C GLN D 163 -30.13 -18.34 -31.07
N PRO D 164 -31.23 -18.07 -30.34
CA PRO D 164 -32.03 -16.89 -30.72
C PRO D 164 -31.25 -15.56 -30.69
N LEU D 165 -30.38 -15.36 -29.70
CA LEU D 165 -29.53 -14.18 -29.62
C LEU D 165 -28.50 -14.19 -30.76
N VAL D 166 -27.76 -15.30 -30.90
CA VAL D 166 -26.72 -15.40 -31.91
C VAL D 166 -27.28 -15.14 -33.31
N GLU D 167 -28.42 -15.77 -33.61
CA GLU D 167 -29.01 -15.64 -34.94
C GLU D 167 -29.48 -14.21 -35.22
N ALA D 168 -29.95 -13.52 -34.18
CA ALA D 168 -30.40 -12.10 -34.32
C ALA D 168 -29.25 -11.12 -34.67
N LEU D 169 -28.02 -11.49 -34.35
CA LEU D 169 -26.88 -10.59 -34.56
C LEU D 169 -26.71 -10.14 -36.03
N SER D 170 -27.03 -11.02 -36.96
CA SER D 170 -27.00 -10.72 -38.40
C SER D 170 -27.85 -9.49 -38.79
N ASN D 171 -28.91 -9.23 -38.03
CA ASN D 171 -29.84 -8.13 -38.33
C ASN D 171 -29.44 -6.77 -37.74
N ILE D 172 -28.40 -6.74 -36.89
CA ILE D 172 -27.94 -5.50 -36.24
C ILE D 172 -26.43 -5.19 -36.39
N PRO D 173 -25.88 -5.28 -37.62
CA PRO D 173 -24.41 -5.14 -37.76
C PRO D 173 -23.87 -3.76 -37.37
N LYS D 174 -24.69 -2.72 -37.54
CA LYS D 174 -24.27 -1.33 -37.32
C LYS D 174 -24.86 -0.75 -36.04
N PRO D 175 -24.18 0.21 -35.41
CA PRO D 175 -24.78 0.90 -34.28
C PRO D 175 -26.15 1.50 -34.61
N GLU D 176 -27.00 1.59 -33.57
CA GLU D 176 -28.37 2.12 -33.64
C GLU D 176 -29.29 1.27 -34.51
N MET D 177 -28.98 -0.02 -34.62
CA MET D 177 -29.87 -0.98 -35.22
C MET D 177 -30.43 -1.90 -34.14
N SER D 178 -31.67 -2.31 -34.31
CA SER D 178 -32.28 -3.25 -33.39
C SER D 178 -33.11 -4.27 -34.17
N THR D 179 -33.45 -5.36 -33.50
CA THR D 179 -34.24 -6.44 -34.10
C THR D 179 -34.97 -7.22 -32.99
N THR D 180 -35.90 -8.08 -33.40
CA THR D 180 -36.65 -8.93 -32.45
C THR D 180 -36.08 -10.35 -32.45
N MET D 181 -35.79 -10.88 -31.28
CA MET D 181 -35.31 -12.26 -31.17
C MET D 181 -36.46 -13.27 -31.30
N ALA D 182 -36.17 -14.44 -31.85
CA ALA D 182 -37.10 -15.57 -31.72
C ALA D 182 -37.35 -15.83 -30.23
N GLU D 183 -38.50 -16.42 -29.93
CA GLU D 183 -38.91 -16.69 -28.55
C GLU D 183 -37.81 -17.34 -27.74
N SER D 184 -37.59 -16.82 -26.54
CA SER D 184 -36.57 -17.35 -25.64
C SER D 184 -36.75 -16.76 -24.25
N SER D 185 -36.07 -17.35 -23.29
CA SER D 185 -36.13 -16.87 -21.92
C SER D 185 -34.74 -16.44 -21.49
N LEU D 186 -34.66 -15.73 -20.38
CA LEU D 186 -33.37 -15.36 -19.80
C LEU D 186 -32.66 -16.59 -19.25
N LEU D 187 -33.42 -17.50 -18.63
CA LEU D 187 -32.87 -18.77 -18.17
C LEU D 187 -32.17 -19.59 -19.28
N ASP D 188 -32.67 -19.49 -20.52
CA ASP D 188 -32.01 -20.07 -21.70
C ASP D 188 -30.56 -19.61 -21.83
N LEU D 189 -30.27 -18.40 -21.35
CA LEU D 189 -28.94 -17.81 -21.49
C LEU D 189 -28.05 -18.13 -20.29
N LEU D 190 -28.63 -18.70 -19.24
CA LEU D 190 -27.91 -18.88 -17.98
C LEU D 190 -27.52 -20.32 -17.72
N PRO D 191 -26.52 -20.53 -16.83
CA PRO D 191 -26.28 -21.90 -16.36
C PRO D 191 -27.52 -22.42 -15.63
N LYS D 192 -27.61 -23.73 -15.43
CA LYS D 192 -28.72 -24.28 -14.64
C LYS D 192 -28.82 -23.55 -13.31
N GLU D 193 -30.05 -23.22 -12.93
CA GLU D 193 -30.30 -22.40 -11.74
C GLU D 193 -29.63 -22.94 -10.47
N GLU D 194 -29.63 -24.26 -10.29
CA GLU D 194 -29.06 -24.88 -9.08
C GLU D 194 -27.57 -24.65 -8.98
N LYS D 195 -26.95 -24.30 -10.11
CA LYS D 195 -25.51 -24.07 -10.16
C LYS D 195 -25.16 -22.62 -9.86
N LEU D 196 -26.18 -21.80 -9.62
CA LEU D 196 -26.02 -20.39 -9.31
C LEU D 196 -25.97 -20.07 -7.81
N ARG D 197 -25.83 -21.09 -6.97
CA ARG D 197 -25.73 -20.89 -5.52
C ARG D 197 -24.38 -20.31 -5.08
N HIS D 198 -23.31 -20.65 -5.79
CA HIS D 198 -21.95 -20.16 -5.54
C HIS D 198 -21.69 -18.87 -6.35
N TYR D 199 -21.47 -17.77 -5.64
CA TYR D 199 -21.14 -16.50 -6.31
C TYR D 199 -20.26 -15.60 -5.43
N PHE D 200 -19.66 -14.60 -6.07
CA PHE D 200 -18.82 -13.62 -5.42
C PHE D 200 -19.50 -12.27 -5.43
N ARG D 201 -19.20 -11.45 -4.43
CA ARG D 201 -19.95 -10.21 -4.19
C ARG D 201 -18.96 -9.14 -3.73
N TYR D 202 -18.99 -7.98 -4.38
CA TYR D 202 -18.25 -6.79 -3.92
C TYR D 202 -18.99 -5.53 -4.40
N LEU D 203 -18.54 -4.36 -3.92
CA LEU D 203 -19.11 -3.07 -4.33
C LEU D 203 -18.14 -2.37 -5.26
N GLY D 204 -18.69 -1.77 -6.33
CA GLY D 204 -17.86 -1.10 -7.32
C GLY D 204 -18.63 -0.20 -8.26
N SER D 205 -18.21 -0.19 -9.54
CA SER D 205 -18.66 0.83 -10.48
C SER D 205 -19.21 0.22 -11.75
N LEU D 206 -19.83 1.07 -12.56
CA LEU D 206 -20.11 0.73 -13.94
C LEU D 206 -18.77 0.66 -14.65
N THR D 207 -18.67 -0.20 -15.65
CA THR D 207 -17.39 -0.40 -16.34
C THR D 207 -17.29 0.41 -17.62
N THR D 208 -18.27 1.28 -17.87
CA THR D 208 -18.14 2.29 -18.93
C THR D 208 -18.39 3.69 -18.34
N PRO D 209 -17.89 4.75 -19.01
CA PRO D 209 -18.09 6.11 -18.46
C PRO D 209 -19.56 6.45 -18.31
N THR D 210 -19.97 7.13 -17.24
CA THR D 210 -19.07 7.82 -16.30
C THR D 210 -18.57 6.99 -15.10
N CYS D 211 -18.70 5.66 -15.19
CA CYS D 211 -18.17 4.72 -14.19
C CYS D 211 -18.67 5.01 -12.77
N ASP D 212 -19.93 5.39 -12.65
CA ASP D 212 -20.51 5.75 -11.35
C ASP D 212 -20.32 4.65 -10.31
N GLU D 213 -19.85 5.02 -9.13
CA GLU D 213 -19.61 4.03 -8.08
C GLU D 213 -20.93 3.72 -7.35
N LYS D 214 -21.78 2.97 -8.03
CA LYS D 214 -23.12 2.68 -7.52
C LYS D 214 -23.60 1.28 -7.80
N VAL D 215 -22.67 0.36 -8.05
CA VAL D 215 -23.01 -1.00 -8.38
C VAL D 215 -22.67 -1.99 -7.26
N VAL D 216 -23.64 -2.83 -6.90
CA VAL D 216 -23.34 -4.01 -6.12
C VAL D 216 -23.16 -5.15 -7.12
N TRP D 217 -21.93 -5.67 -7.20
CA TRP D 217 -21.57 -6.67 -8.20
C TRP D 217 -21.81 -8.10 -7.68
N THR D 218 -22.27 -8.97 -8.56
CA THR D 218 -22.33 -10.41 -8.30
C THR D 218 -21.67 -11.11 -9.50
N VAL D 219 -20.68 -11.97 -9.22
CA VAL D 219 -20.01 -12.75 -10.26
C VAL D 219 -20.21 -14.22 -9.91
N PHE D 220 -20.93 -14.93 -10.75
CA PHE D 220 -21.21 -16.32 -10.50
C PHE D 220 -20.00 -17.15 -10.83
N ARG D 221 -19.72 -18.14 -9.99
CA ARG D 221 -18.60 -19.06 -10.16
C ARG D 221 -18.76 -19.95 -11.42
N GLU D 222 -20.01 -20.33 -11.71
CA GLU D 222 -20.29 -21.27 -12.80
C GLU D 222 -20.39 -20.57 -14.16
N PRO D 223 -19.48 -20.89 -15.09
CA PRO D 223 -19.52 -20.26 -16.41
C PRO D 223 -20.62 -20.85 -17.31
N ILE D 224 -21.04 -20.05 -18.29
CA ILE D 224 -21.89 -20.50 -19.38
C ILE D 224 -20.95 -21.09 -20.43
N GLN D 225 -21.35 -22.23 -21.00
CA GLN D 225 -20.58 -22.85 -22.05
C GLN D 225 -21.16 -22.44 -23.41
N LEU D 226 -20.36 -21.80 -24.25
CA LEU D 226 -20.75 -21.47 -25.64
C LEU D 226 -19.74 -22.02 -26.63
N HIS D 227 -20.19 -22.36 -27.84
CA HIS D 227 -19.28 -22.79 -28.88
C HIS D 227 -18.40 -21.60 -29.25
N ARG D 228 -17.12 -21.87 -29.54
CA ARG D 228 -16.23 -20.89 -30.14
C ARG D 228 -16.93 -20.10 -31.25
N GLU D 229 -17.66 -20.81 -32.11
CA GLU D 229 -18.35 -20.17 -33.25
C GLU D 229 -19.53 -19.29 -32.84
N GLN D 230 -20.20 -19.64 -31.73
CA GLN D 230 -21.20 -18.74 -31.14
C GLN D 230 -20.57 -17.45 -30.63
N ILE D 231 -19.43 -17.56 -29.94
CA ILE D 231 -18.72 -16.36 -29.44
C ILE D 231 -18.25 -15.55 -30.65
N LEU D 232 -17.71 -16.23 -31.66
CA LEU D 232 -17.16 -15.53 -32.81
C LEU D 232 -18.21 -14.85 -33.66
N ALA D 233 -19.46 -15.30 -33.58
CA ALA D 233 -20.55 -14.63 -34.32
C ALA D 233 -20.64 -13.16 -33.95
N PHE D 234 -20.35 -12.82 -32.70
CA PHE D 234 -20.40 -11.43 -32.25
C PHE D 234 -19.40 -10.56 -33.04
N SER D 235 -18.13 -10.95 -33.08
CA SER D 235 -17.12 -10.17 -33.80
C SER D 235 -17.22 -10.30 -35.33
N GLN D 236 -17.84 -11.37 -35.82
CA GLN D 236 -18.05 -11.62 -37.25
C GLN D 236 -19.22 -10.82 -37.86
N LYS D 237 -20.26 -10.59 -37.05
CA LYS D 237 -21.50 -9.96 -37.51
C LYS D 237 -21.60 -8.47 -37.12
N LEU D 238 -20.95 -8.10 -36.02
CA LEU D 238 -21.09 -6.77 -35.43
C LEU D 238 -19.91 -5.82 -35.74
N TYR D 239 -20.23 -4.53 -35.83
CA TYR D 239 -19.24 -3.47 -36.00
C TYR D 239 -19.44 -2.31 -35.00
N TYR D 240 -18.35 -1.65 -34.63
CA TYR D 240 -18.39 -0.43 -33.80
C TYR D 240 -18.98 0.76 -34.56
N ASP D 241 -18.86 0.75 -35.89
CA ASP D 241 -19.18 1.93 -36.72
C ASP D 241 -20.21 1.69 -37.83
N LYS D 242 -20.88 2.73 -38.14
CA LYS D 242 -21.83 2.68 -39.25
C LYS D 242 -21.16 2.40 -40.59
N GLU D 243 -19.89 2.78 -40.71
CA GLU D 243 -19.15 2.53 -41.94
C GLU D 243 -18.70 1.07 -42.02
N GLN D 244 -18.86 0.38 -41.00
CA GLN D 244 -18.54 -1.04 -40.84
C GLN D 244 -17.09 -1.33 -41.20
N THR D 245 -16.17 -0.57 -40.58
CA THR D 245 -14.75 -0.77 -40.85
C THR D 245 -14.07 -1.48 -39.67
N VAL D 246 -14.63 -1.31 -38.47
CA VAL D 246 -14.07 -1.92 -37.25
C VAL D 246 -15.01 -2.99 -36.65
N SER D 247 -14.66 -4.27 -36.78
CA SER D 247 -15.43 -5.36 -36.16
C SER D 247 -15.49 -5.17 -34.64
N MET D 248 -16.66 -5.44 -34.07
CA MET D 248 -16.86 -5.21 -32.66
C MET D 248 -16.33 -6.37 -31.85
N LYS D 249 -15.26 -6.10 -31.10
CA LYS D 249 -14.65 -7.05 -30.20
C LYS D 249 -13.74 -6.24 -29.27
N ASP D 250 -13.32 -6.87 -28.18
CA ASP D 250 -12.39 -6.27 -27.21
C ASP D 250 -13.04 -5.04 -26.60
N ASN D 251 -14.34 -5.14 -26.43
CA ASN D 251 -15.11 -4.08 -25.78
C ASN D 251 -15.02 -4.33 -24.29
N VAL D 252 -13.79 -4.33 -23.78
CA VAL D 252 -13.52 -4.63 -22.36
C VAL D 252 -12.65 -3.59 -21.68
N ARG D 253 -13.06 -3.22 -20.47
CA ARG D 253 -12.29 -2.29 -19.66
C ARG D 253 -11.16 -3.06 -18.93
N PRO D 254 -9.93 -2.49 -18.90
CA PRO D 254 -8.80 -3.11 -18.17
C PRO D 254 -9.10 -3.32 -16.68
N LEU D 255 -8.42 -4.28 -16.05
CA LEU D 255 -8.61 -4.56 -14.61
C LEU D 255 -8.25 -3.36 -13.75
N GLN D 256 -9.06 -3.14 -12.73
CA GLN D 256 -8.88 -2.06 -11.77
C GLN D 256 -8.35 -2.62 -10.44
N GLN D 257 -7.76 -1.77 -9.62
CA GLN D 257 -7.28 -2.15 -8.30
C GLN D 257 -8.45 -2.31 -7.32
N LEU D 258 -8.41 -3.40 -6.56
CA LEU D 258 -9.38 -3.67 -5.51
C LEU D 258 -9.34 -2.59 -4.44
N GLY D 259 -8.12 -2.15 -4.10
CA GLY D 259 -7.89 -1.13 -3.09
C GLY D 259 -8.28 -1.63 -1.71
N GLN D 260 -9.02 -0.79 -0.98
CA GLN D 260 -9.41 -1.03 0.41
C GLN D 260 -10.60 -1.98 0.56
N ARG D 261 -11.17 -2.42 -0.56
CA ARG D 261 -12.42 -3.17 -0.59
C ARG D 261 -12.27 -4.66 -0.28
N THR D 262 -13.36 -5.27 0.17
CA THR D 262 -13.39 -6.69 0.51
C THR D 262 -14.30 -7.41 -0.47
N VAL D 263 -13.89 -8.60 -0.90
CA VAL D 263 -14.74 -9.45 -1.72
C VAL D 263 -15.20 -10.62 -0.85
N ILE D 264 -16.51 -10.86 -0.86
CA ILE D 264 -17.08 -11.97 -0.10
C ILE D 264 -17.73 -13.00 -1.03
N LYS D 265 -18.03 -14.18 -0.51
CA LYS D 265 -18.66 -15.23 -1.32
C LYS D 265 -19.72 -16.02 -0.54
N SER D 266 -20.66 -16.61 -1.27
CA SER D 266 -21.68 -17.48 -0.68
C SER D 266 -21.07 -18.79 -0.23
#